data_3NW2
#
_entry.id   3NW2
#
_cell.length_a   212.600
_cell.length_b   212.600
_cell.length_c   111.500
_cell.angle_alpha   90.00
_cell.angle_beta   90.00
_cell.angle_gamma   120.00
#
_symmetry.space_group_name_H-M   'P 61 2 2'
#
loop_
_entity.id
_entity.type
_entity.pdbx_description
1 polymer 'Nitric oxide synthase, inducible'
2 non-polymer 'PROTOPORPHYRIN IX CONTAINING FE'
3 non-polymer 5,6,7,8-TETRAHYDROBIOPTERIN
4 non-polymer 'SULFATE ION'
5 non-polymer 2-[2-(4-methoxypyridin-2-yl)ethyl]-3H-imidazo[4,5-b]pyridine
6 water water
#
_entity_poly.entity_id   1
_entity_poly.type   'polypeptide(L)'
_entity_poly.pdbx_seq_one_letter_code
;QYVRIKNWGSGEILHDTLHHKATSDFTCKSKSCLGSIMNPKSLTRGPRDKPTPLEELLPHAIEFINQYYGSFKEAKIEEH
LARLEAVTKEIETTGTYQLTLDELIFATKMAWRNAPRCIGRIQWSNLQVFDARNCSTAQEMFQHICRHILYATNNGNIRS
AITVFPQRSDGKHDFRLWNSQLIRYAGYQMPDGTIRGDAATLEFTQLCIDLGWKPRYGRFDVLPLVLQADGQDPEVFEIP
PDLVLEVTMEHPKYEWFQELGLKWYALPAVANMLLEVGGLEFPACPFNGWYMGTEIGVRDFCDTQRYNILEEVGRRMGLE
THTLASLWKDRAVTEINVAVLHSFQKQNVTIMDHHTASESFMKHMQNEYRARGGCPADWIWLVPPVSGSITPVFHQEMLN
YVLSPFYYYQIEPWKTHIWQNEK
;
_entity_poly.pdbx_strand_id   A,B
#
# COMPACT_ATOMS: atom_id res chain seq x y z
N GLN A 1 -20.65 -27.48 -3.98
CA GLN A 1 -21.16 -26.78 -5.20
C GLN A 1 -20.22 -27.00 -6.38
N TYR A 2 -18.98 -26.54 -6.24
CA TYR A 2 -17.97 -26.68 -7.29
C TYR A 2 -16.56 -26.52 -6.72
N VAL A 3 -15.55 -27.05 -7.41
CA VAL A 3 -14.19 -26.92 -6.91
C VAL A 3 -13.35 -25.96 -7.75
N ARG A 4 -12.66 -25.04 -7.06
CA ARG A 4 -11.81 -24.05 -7.71
C ARG A 4 -10.50 -24.77 -8.03
N ILE A 5 -9.87 -24.36 -9.14
CA ILE A 5 -8.62 -24.93 -9.58
C ILE A 5 -7.79 -23.79 -10.14
N LYS A 6 -6.55 -23.68 -9.67
CA LYS A 6 -5.67 -22.60 -10.12
C LYS A 6 -4.62 -23.16 -11.03
N ASN A 7 -4.09 -22.28 -11.88
CA ASN A 7 -3.05 -22.62 -12.80
C ASN A 7 -1.93 -21.63 -12.55
N TRP A 8 -1.13 -21.95 -11.55
CA TRP A 8 0.00 -21.14 -11.11
C TRP A 8 0.86 -20.49 -12.19
N GLY A 9 0.71 -20.95 -13.43
CA GLY A 9 1.49 -20.36 -14.50
C GLY A 9 0.81 -19.07 -14.93
N SER A 10 -0.38 -19.24 -15.51
CA SER A 10 -1.19 -18.12 -15.98
C SER A 10 -2.03 -17.56 -14.84
N GLY A 11 -1.94 -18.19 -13.68
CA GLY A 11 -2.70 -17.74 -12.53
C GLY A 11 -4.19 -17.78 -12.81
N GLU A 12 -4.58 -18.42 -13.92
CA GLU A 12 -6.00 -18.51 -14.26
C GLU A 12 -6.73 -19.46 -13.30
N ILE A 13 -8.06 -19.37 -13.26
CA ILE A 13 -8.89 -20.22 -12.39
C ILE A 13 -10.12 -20.77 -13.08
N LEU A 14 -10.49 -21.99 -12.69
CA LEU A 14 -11.65 -22.66 -13.26
C LEU A 14 -12.42 -23.31 -12.13
N HIS A 15 -13.72 -23.51 -12.35
CA HIS A 15 -14.60 -24.11 -11.37
C HIS A 15 -15.10 -25.46 -11.90
N ASP A 16 -14.72 -26.54 -11.22
CA ASP A 16 -15.10 -27.87 -11.66
C ASP A 16 -16.48 -28.30 -11.21
N THR A 17 -17.36 -28.56 -12.16
CA THR A 17 -18.73 -28.99 -11.88
C THR A 17 -18.90 -30.48 -12.07
N LEU A 18 -18.24 -30.99 -13.11
CA LEU A 18 -18.27 -32.39 -13.52
C LEU A 18 -18.10 -33.48 -12.47
N HIS A 19 -17.11 -33.30 -11.60
CA HIS A 19 -16.82 -34.29 -10.56
C HIS A 19 -18.08 -34.79 -9.87
N HIS A 20 -19.09 -33.94 -9.78
CA HIS A 20 -20.35 -34.28 -9.14
C HIS A 20 -20.99 -35.50 -9.80
N LYS A 21 -20.80 -35.62 -11.11
CA LYS A 21 -21.34 -36.73 -11.88
C LYS A 21 -20.36 -37.88 -11.83
N ALA A 22 -19.47 -37.83 -10.85
CA ALA A 22 -18.46 -38.86 -10.65
C ALA A 22 -19.10 -40.23 -10.42
N THR A 23 -18.26 -41.23 -10.22
CA THR A 23 -18.74 -42.59 -10.00
C THR A 23 -18.36 -43.17 -8.65
N SER A 24 -19.07 -44.24 -8.30
CA SER A 24 -18.88 -44.96 -7.06
C SER A 24 -17.62 -45.85 -7.12
N ASP A 25 -16.47 -45.25 -7.43
CA ASP A 25 -15.23 -46.02 -7.52
C ASP A 25 -14.55 -46.24 -6.16
N SER A 32 -12.82 -38.74 -6.69
CA SER A 32 -12.72 -37.25 -6.70
C SER A 32 -11.34 -36.77 -6.23
N CYS A 33 -10.36 -37.67 -6.26
CA CYS A 33 -8.97 -37.39 -5.82
C CYS A 33 -8.48 -35.97 -6.10
N LEU A 34 -7.86 -35.37 -5.08
CA LEU A 34 -7.32 -34.01 -5.17
C LEU A 34 -5.88 -34.11 -5.69
N GLY A 35 -4.97 -34.53 -4.82
CA GLY A 35 -3.57 -34.68 -5.19
C GLY A 35 -2.94 -33.53 -5.95
N SER A 36 -3.35 -33.36 -7.20
CA SER A 36 -2.86 -32.31 -8.10
C SER A 36 -3.00 -30.90 -7.52
N ILE A 37 -3.41 -30.81 -6.26
CA ILE A 37 -3.59 -29.52 -5.62
C ILE A 37 -2.40 -29.06 -4.78
N MET A 38 -2.04 -27.78 -4.97
CA MET A 38 -0.93 -27.17 -4.26
C MET A 38 -1.17 -27.18 -2.76
N ASN A 39 -2.05 -26.28 -2.33
CA ASN A 39 -2.38 -26.12 -0.92
C ASN A 39 -3.77 -26.68 -0.63
N PRO A 40 -3.88 -28.00 -0.37
CA PRO A 40 -5.20 -28.56 -0.08
C PRO A 40 -5.49 -28.32 1.40
N LYS A 41 -6.75 -28.34 1.79
CA LYS A 41 -7.08 -28.12 3.20
C LYS A 41 -6.71 -29.32 4.07
N SER A 42 -6.57 -30.48 3.44
CA SER A 42 -6.20 -31.69 4.16
C SER A 42 -4.74 -31.60 4.60
N LEU A 43 -4.04 -30.60 4.07
CA LEU A 43 -2.63 -30.39 4.37
C LEU A 43 -2.37 -29.09 5.14
N THR A 44 -3.43 -28.41 5.57
CA THR A 44 -3.30 -27.15 6.27
C THR A 44 -3.79 -27.20 7.73
N ARG A 45 -3.23 -26.29 8.54
CA ARG A 45 -3.59 -26.16 9.95
C ARG A 45 -3.77 -24.67 10.26
N GLY A 46 -4.96 -24.16 9.98
CA GLY A 46 -5.24 -22.74 10.19
C GLY A 46 -5.33 -22.21 11.62
N PRO A 47 -5.84 -20.98 11.76
CA PRO A 47 -6.07 -20.16 12.96
C PRO A 47 -6.86 -20.78 14.09
N ARG A 48 -7.02 -20.01 15.17
CA ARG A 48 -7.77 -20.43 16.35
C ARG A 48 -8.27 -19.23 17.13
N ASP A 49 -9.20 -19.47 18.06
CA ASP A 49 -9.75 -18.42 18.90
C ASP A 49 -9.48 -18.83 20.33
N LYS A 50 -9.85 -20.06 20.65
CA LYS A 50 -9.70 -20.61 21.99
C LYS A 50 -8.53 -21.59 22.00
N PRO A 51 -8.17 -22.11 23.19
CA PRO A 51 -7.08 -23.08 23.39
C PRO A 51 -7.41 -24.41 22.72
N THR A 52 -6.63 -25.43 23.02
CA THR A 52 -6.83 -26.75 22.42
C THR A 52 -7.49 -27.76 23.36
N PRO A 53 -8.81 -27.98 23.23
CA PRO A 53 -9.52 -28.93 24.09
C PRO A 53 -8.71 -30.14 24.60
N LEU A 54 -8.48 -30.10 25.91
CA LEU A 54 -7.74 -31.11 26.67
C LEU A 54 -8.04 -32.56 26.28
N GLU A 55 -9.30 -32.82 25.98
CA GLU A 55 -9.73 -34.17 25.59
C GLU A 55 -8.88 -34.58 24.38
N GLU A 56 -8.52 -33.58 23.58
CA GLU A 56 -7.72 -33.78 22.39
C GLU A 56 -6.25 -33.75 22.79
N LEU A 57 -5.81 -32.61 23.29
CA LEU A 57 -4.42 -32.44 23.70
C LEU A 57 -3.87 -33.66 24.47
N LEU A 58 -4.55 -34.01 25.56
CA LEU A 58 -4.08 -35.12 26.38
C LEU A 58 -3.72 -36.43 25.67
N PRO A 59 -4.59 -36.92 24.76
CA PRO A 59 -4.26 -38.18 24.08
C PRO A 59 -3.00 -38.03 23.24
N HIS A 60 -3.04 -37.06 22.34
CA HIS A 60 -1.93 -36.77 21.45
C HIS A 60 -0.65 -36.52 22.23
N ALA A 61 -0.78 -35.81 23.33
CA ALA A 61 0.36 -35.52 24.17
C ALA A 61 0.94 -36.85 24.60
N ILE A 62 0.09 -37.74 25.14
CA ILE A 62 0.56 -39.05 25.58
C ILE A 62 1.26 -39.75 24.42
N GLU A 63 0.54 -39.91 23.32
CA GLU A 63 1.04 -40.58 22.12
C GLU A 63 2.47 -40.20 21.83
N PHE A 64 2.66 -38.92 21.52
CA PHE A 64 3.97 -38.39 21.21
C PHE A 64 5.01 -38.88 22.22
N ILE A 65 4.73 -38.68 23.50
CA ILE A 65 5.64 -39.08 24.55
C ILE A 65 5.98 -40.58 24.50
N ASN A 66 5.02 -41.39 24.10
CA ASN A 66 5.26 -42.82 24.01
C ASN A 66 6.16 -43.07 22.81
N GLN A 67 5.82 -42.44 21.69
CA GLN A 67 6.64 -42.54 20.49
C GLN A 67 8.05 -42.09 20.82
N TYR A 68 8.17 -40.98 21.55
CA TYR A 68 9.46 -40.42 21.93
C TYR A 68 10.33 -41.39 22.73
N TYR A 69 9.82 -41.90 23.85
CA TYR A 69 10.58 -42.84 24.68
C TYR A 69 10.67 -44.21 24.01
N GLY A 70 9.71 -44.47 23.13
CA GLY A 70 9.70 -45.74 22.41
C GLY A 70 10.65 -45.63 21.24
N SER A 71 11.49 -44.60 21.30
CA SER A 71 12.45 -44.36 20.24
C SER A 71 13.82 -44.92 20.62
N PHE A 72 14.39 -44.35 21.67
CA PHE A 72 15.72 -44.73 22.14
C PHE A 72 15.93 -46.22 22.41
N LYS A 73 17.08 -46.77 21.99
CA LYS A 73 17.37 -48.20 22.21
C LYS A 73 17.34 -48.44 23.71
N GLU A 74 16.93 -49.64 24.12
CA GLU A 74 16.80 -49.97 25.54
C GLU A 74 16.15 -48.81 26.28
N ALA A 75 14.82 -48.83 26.34
CA ALA A 75 14.03 -47.78 26.97
C ALA A 75 14.41 -47.36 28.39
N LYS A 76 13.81 -46.25 28.82
CA LYS A 76 14.01 -45.69 30.15
C LYS A 76 12.63 -45.73 30.82
N ILE A 77 12.07 -46.93 30.83
CA ILE A 77 10.76 -47.25 31.38
C ILE A 77 10.33 -46.29 32.48
N GLU A 78 11.22 -46.03 33.42
CA GLU A 78 10.89 -45.13 34.51
C GLU A 78 10.76 -43.70 34.01
N GLU A 79 11.77 -43.20 33.29
CA GLU A 79 11.73 -41.85 32.74
C GLU A 79 10.49 -41.70 31.85
N HIS A 80 10.13 -42.80 31.19
CA HIS A 80 8.96 -42.83 30.31
C HIS A 80 7.70 -42.56 31.14
N LEU A 81 7.56 -43.30 32.24
CA LEU A 81 6.42 -43.14 33.13
C LEU A 81 6.49 -41.79 33.80
N ALA A 82 7.64 -41.50 34.38
CA ALA A 82 7.85 -40.23 35.06
C ALA A 82 7.43 -39.06 34.16
N ARG A 83 8.00 -39.02 32.97
CA ARG A 83 7.70 -37.98 31.97
C ARG A 83 6.22 -37.98 31.69
N LEU A 84 5.69 -39.18 31.45
CA LEU A 84 4.26 -39.32 31.19
C LEU A 84 3.50 -38.56 32.27
N GLU A 85 3.73 -38.96 33.51
CA GLU A 85 3.06 -38.35 34.65
C GLU A 85 3.18 -36.83 34.61
N ALA A 86 4.41 -36.33 34.58
CA ALA A 86 4.68 -34.90 34.57
C ALA A 86 3.92 -34.14 33.51
N VAL A 87 3.82 -34.73 32.33
CA VAL A 87 3.12 -34.08 31.23
C VAL A 87 1.66 -33.96 31.62
N THR A 88 1.09 -35.08 32.02
CA THR A 88 -0.30 -35.14 32.43
C THR A 88 -0.55 -34.05 33.49
N LYS A 89 0.26 -34.10 34.55
CA LYS A 89 0.17 -33.15 35.67
C LYS A 89 0.24 -31.71 35.19
N GLU A 90 1.20 -31.42 34.32
CA GLU A 90 1.42 -30.07 33.78
C GLU A 90 0.23 -29.54 32.98
N ILE A 91 -0.35 -30.43 32.19
CA ILE A 91 -1.49 -30.08 31.36
C ILE A 91 -2.66 -29.69 32.25
N GLU A 92 -3.03 -30.58 33.17
CA GLU A 92 -4.14 -30.34 34.07
C GLU A 92 -3.85 -29.23 35.09
N THR A 93 -2.83 -28.44 34.81
CA THR A 93 -2.44 -27.36 35.71
C THR A 93 -2.33 -26.03 35.01
N THR A 94 -2.09 -26.10 33.69
CA THR A 94 -1.94 -24.91 32.87
C THR A 94 -2.76 -25.04 31.61
N GLY A 95 -3.22 -26.26 31.34
CA GLY A 95 -4.03 -26.49 30.16
C GLY A 95 -3.15 -26.47 28.91
N THR A 96 -2.05 -27.22 28.97
CA THR A 96 -1.07 -27.34 27.88
C THR A 96 0.23 -27.88 28.46
N TYR A 97 1.28 -27.96 27.64
CA TYR A 97 2.55 -28.46 28.16
C TYR A 97 3.75 -28.16 27.27
N GLN A 98 4.90 -28.05 27.91
CA GLN A 98 6.14 -27.78 27.21
C GLN A 98 6.95 -29.05 26.96
N LEU A 99 7.52 -29.11 25.76
CA LEU A 99 8.34 -30.23 25.35
C LEU A 99 9.75 -29.99 25.85
N THR A 100 10.47 -31.06 26.14
CA THR A 100 11.84 -30.87 26.56
C THR A 100 12.57 -30.52 25.25
N LEU A 101 13.82 -30.07 25.32
CA LEU A 101 14.55 -29.73 24.11
C LEU A 101 14.84 -30.99 23.31
N ASP A 102 15.16 -32.06 24.02
CA ASP A 102 15.48 -33.32 23.39
C ASP A 102 14.28 -33.87 22.64
N GLU A 103 13.07 -33.61 23.15
CA GLU A 103 11.86 -34.07 22.50
C GLU A 103 11.59 -33.17 21.29
N LEU A 104 11.73 -31.86 21.46
CA LEU A 104 11.50 -30.94 20.36
C LEU A 104 12.40 -31.36 19.22
N ILE A 105 13.67 -31.59 19.53
CA ILE A 105 14.64 -32.02 18.54
C ILE A 105 14.14 -33.28 17.85
N PHE A 106 13.68 -34.24 18.63
CA PHE A 106 13.14 -35.46 18.07
C PHE A 106 11.99 -35.05 17.14
N ALA A 107 11.08 -34.24 17.68
CA ALA A 107 9.91 -33.76 16.94
C ALA A 107 10.22 -33.06 15.63
N THR A 108 11.29 -32.28 15.60
CA THR A 108 11.66 -31.54 14.40
C THR A 108 12.21 -32.43 13.32
N LYS A 109 12.93 -33.47 13.73
CA LYS A 109 13.53 -34.40 12.79
C LYS A 109 12.52 -35.38 12.27
N MET A 110 11.60 -35.76 13.15
CA MET A 110 10.56 -36.70 12.76
C MET A 110 9.64 -36.07 11.73
N ALA A 111 9.14 -34.88 12.09
CA ALA A 111 8.26 -34.06 11.24
C ALA A 111 8.89 -33.90 9.87
N TRP A 112 10.17 -33.59 9.86
CA TRP A 112 10.87 -33.45 8.60
C TRP A 112 10.81 -34.83 7.95
N ARG A 113 11.34 -35.84 8.63
CA ARG A 113 11.32 -37.20 8.10
C ARG A 113 9.96 -37.57 7.50
N ASN A 114 8.89 -37.10 8.13
CA ASN A 114 7.52 -37.37 7.68
C ASN A 114 6.98 -36.45 6.58
N ALA A 115 7.83 -35.60 6.00
CA ALA A 115 7.38 -34.66 4.95
C ALA A 115 7.23 -35.33 3.58
N PRO A 116 5.99 -35.64 3.20
CA PRO A 116 5.73 -36.29 1.92
C PRO A 116 6.35 -35.60 0.71
N ARG A 117 6.57 -34.30 0.79
CA ARG A 117 7.09 -33.58 -0.36
C ARG A 117 8.59 -33.23 -0.36
N CYS A 118 9.34 -33.66 0.66
CA CYS A 118 10.77 -33.34 0.69
C CYS A 118 11.61 -34.48 0.09
N ILE A 119 12.45 -34.12 -0.88
CA ILE A 119 13.29 -35.07 -1.59
C ILE A 119 14.60 -35.46 -0.91
N GLY A 120 15.07 -34.64 0.03
CA GLY A 120 16.33 -34.94 0.68
C GLY A 120 16.19 -35.52 2.07
N ARG A 121 14.97 -35.96 2.39
CA ARG A 121 14.69 -36.54 3.69
C ARG A 121 15.72 -37.55 4.19
N ILE A 122 16.61 -37.99 3.33
CA ILE A 122 17.62 -38.96 3.74
C ILE A 122 18.56 -38.30 4.76
N GLN A 123 18.45 -36.98 4.87
CA GLN A 123 19.27 -36.23 5.80
C GLN A 123 18.55 -36.05 7.13
N TRP A 124 17.25 -36.31 7.15
CA TRP A 124 16.40 -36.13 8.33
C TRP A 124 17.04 -36.15 9.70
N SER A 125 18.09 -36.95 9.89
CA SER A 125 18.74 -37.01 11.18
C SER A 125 19.66 -35.81 11.45
N ASN A 126 20.22 -35.22 10.40
CA ASN A 126 21.10 -34.06 10.55
C ASN A 126 20.26 -32.80 10.59
N LEU A 127 20.00 -32.29 11.79
CA LEU A 127 19.24 -31.07 11.85
C LEU A 127 19.61 -30.23 13.04
N GLN A 128 19.76 -28.93 12.82
CA GLN A 128 20.12 -28.02 13.88
C GLN A 128 18.85 -27.40 14.45
N VAL A 129 18.66 -27.57 15.74
CA VAL A 129 17.49 -27.04 16.38
C VAL A 129 17.82 -25.85 17.26
N PHE A 130 17.23 -24.71 16.90
CA PHE A 130 17.40 -23.50 17.67
C PHE A 130 16.10 -23.38 18.42
N ASP A 131 16.20 -23.32 19.75
CA ASP A 131 15.07 -23.22 20.65
C ASP A 131 14.73 -21.74 20.89
N ALA A 132 13.81 -21.19 20.12
CA ALA A 132 13.46 -19.77 20.29
C ALA A 132 12.13 -19.56 21.00
N ARG A 133 11.67 -20.61 21.68
CA ARG A 133 10.39 -20.59 22.40
C ARG A 133 10.25 -19.57 23.53
N ASN A 134 11.35 -18.91 23.89
CA ASN A 134 11.31 -17.94 24.97
C ASN A 134 11.13 -16.56 24.37
N CYS A 135 11.46 -16.45 23.09
CA CYS A 135 11.36 -15.19 22.40
C CYS A 135 10.08 -14.50 22.87
N SER A 136 9.96 -13.20 22.64
CA SER A 136 8.80 -12.47 23.10
C SER A 136 8.51 -11.28 22.22
N THR A 137 9.53 -10.73 21.57
CA THR A 137 9.32 -9.58 20.70
C THR A 137 9.85 -9.72 19.27
N ALA A 138 9.31 -8.89 18.40
CA ALA A 138 9.67 -8.88 16.98
C ALA A 138 11.16 -8.74 16.76
N GLN A 139 11.79 -7.90 17.58
CA GLN A 139 13.22 -7.63 17.50
C GLN A 139 14.00 -8.92 17.88
N GLU A 140 13.44 -9.69 18.81
CA GLU A 140 14.06 -10.92 19.21
C GLU A 140 13.93 -11.96 18.11
N MET A 141 12.78 -11.96 17.43
CA MET A 141 12.57 -12.86 16.32
C MET A 141 13.67 -12.49 15.35
N PHE A 142 13.53 -11.28 14.80
CA PHE A 142 14.48 -10.76 13.83
C PHE A 142 15.92 -11.14 14.16
N GLN A 143 16.24 -11.16 15.44
CA GLN A 143 17.58 -11.52 15.86
C GLN A 143 17.89 -12.99 15.69
N HIS A 144 16.94 -13.85 16.07
CA HIS A 144 17.10 -15.31 15.96
C HIS A 144 17.13 -15.78 14.52
N ILE A 145 16.34 -15.10 13.68
CA ILE A 145 16.27 -15.44 12.26
C ILE A 145 17.66 -15.20 11.70
N CYS A 146 18.29 -14.14 12.18
CA CYS A 146 19.62 -13.78 11.72
C CYS A 146 20.65 -14.83 12.08
N ARG A 147 20.69 -15.22 13.36
CA ARG A 147 21.63 -16.24 13.79
C ARG A 147 21.44 -17.50 12.94
N HIS A 148 20.18 -17.91 12.77
CA HIS A 148 19.88 -19.10 12.00
C HIS A 148 20.47 -18.93 10.60
N ILE A 149 20.02 -17.90 9.88
CA ILE A 149 20.52 -17.62 8.54
C ILE A 149 22.04 -17.75 8.51
N LEU A 150 22.70 -17.04 9.41
CA LEU A 150 24.15 -17.08 9.49
C LEU A 150 24.67 -18.51 9.79
N TYR A 151 23.98 -19.22 10.66
CA TYR A 151 24.41 -20.56 10.98
C TYR A 151 24.29 -21.43 9.76
N ALA A 152 23.10 -21.44 9.18
CA ALA A 152 22.82 -22.24 8.01
C ALA A 152 23.67 -21.89 6.81
N THR A 153 23.79 -20.60 6.47
CA THR A 153 24.60 -20.24 5.30
C THR A 153 26.03 -20.76 5.37
N ASN A 154 26.57 -20.85 6.58
CA ASN A 154 27.93 -21.30 6.84
C ASN A 154 28.91 -21.12 5.69
N ASN A 155 29.01 -19.87 5.22
CA ASN A 155 29.89 -19.50 4.11
C ASN A 155 29.79 -20.45 2.90
N GLY A 156 28.57 -20.79 2.51
CA GLY A 156 28.41 -21.67 1.37
C GLY A 156 28.27 -23.14 1.69
N ASN A 157 29.04 -23.62 2.67
CA ASN A 157 28.91 -25.01 3.07
C ASN A 157 27.63 -24.95 3.90
N ILE A 158 26.49 -25.18 3.25
CA ILE A 158 25.20 -25.09 3.91
C ILE A 158 24.93 -26.15 4.97
N ARG A 159 24.09 -25.79 5.94
CA ARG A 159 23.72 -26.67 7.03
C ARG A 159 22.23 -26.49 7.32
N SER A 160 21.51 -27.60 7.34
CA SER A 160 20.07 -27.56 7.58
C SER A 160 19.82 -27.23 9.03
N ALA A 161 18.92 -26.29 9.25
CA ALA A 161 18.60 -25.88 10.60
C ALA A 161 17.14 -25.54 10.72
N ILE A 162 16.74 -25.29 11.96
CA ILE A 162 15.39 -24.90 12.25
C ILE A 162 15.43 -24.18 13.58
N THR A 163 14.62 -23.14 13.67
CA THR A 163 14.51 -22.32 14.86
C THR A 163 13.03 -22.25 15.24
N VAL A 164 12.69 -22.97 16.30
CA VAL A 164 11.32 -23.09 16.81
C VAL A 164 10.84 -21.97 17.75
N PHE A 165 10.08 -21.02 17.22
CA PHE A 165 9.57 -19.95 18.06
C PHE A 165 8.48 -20.44 19.03
N PRO A 166 7.80 -19.52 19.74
CA PRO A 166 6.74 -19.84 20.72
C PRO A 166 5.52 -20.60 20.22
N GLN A 167 5.13 -21.63 20.96
CA GLN A 167 3.97 -22.43 20.57
C GLN A 167 2.66 -21.63 20.65
N ARG A 168 1.67 -22.06 19.89
CA ARG A 168 0.38 -21.39 19.86
C ARG A 168 -0.26 -21.67 21.20
N SER A 169 -0.82 -20.63 21.79
CA SER A 169 -1.47 -20.74 23.09
C SER A 169 -2.98 -20.76 22.87
N ASP A 170 -3.57 -19.58 22.90
CA ASP A 170 -4.99 -19.43 22.70
C ASP A 170 -5.22 -19.43 21.20
N GLY A 171 -4.39 -18.68 20.49
CA GLY A 171 -4.54 -18.63 19.05
C GLY A 171 -4.67 -17.19 18.64
N LYS A 172 -4.84 -16.32 19.63
CA LYS A 172 -4.93 -14.89 19.37
C LYS A 172 -3.57 -14.31 19.75
N HIS A 173 -2.65 -15.21 20.10
CA HIS A 173 -1.28 -14.88 20.47
C HIS A 173 -0.37 -15.85 19.70
N ASP A 174 -0.34 -15.67 18.38
CA ASP A 174 0.45 -16.49 17.47
C ASP A 174 1.72 -15.80 16.99
N PHE A 175 2.79 -16.56 16.82
CA PHE A 175 4.04 -16.01 16.27
C PHE A 175 4.06 -16.34 14.78
N ARG A 176 4.14 -15.33 13.94
CA ARG A 176 4.10 -15.63 12.52
C ARG A 176 5.01 -14.79 11.65
N LEU A 177 5.86 -15.48 10.88
CA LEU A 177 6.73 -14.80 9.93
C LEU A 177 5.78 -14.68 8.75
N TRP A 178 5.64 -13.48 8.20
CA TRP A 178 4.73 -13.31 7.09
C TRP A 178 5.33 -13.66 5.74
N ASN A 179 6.63 -13.87 5.67
CA ASN A 179 7.25 -14.21 4.38
C ASN A 179 7.11 -15.72 4.11
N SER A 180 6.96 -16.07 2.84
CA SER A 180 6.84 -17.47 2.43
C SER A 180 8.19 -18.14 2.69
N GLN A 181 9.25 -17.34 2.57
CA GLN A 181 10.59 -17.85 2.82
C GLN A 181 11.54 -16.81 3.41
N LEU A 182 12.53 -17.33 4.13
CA LEU A 182 13.54 -16.50 4.76
C LEU A 182 14.21 -15.48 3.82
N ILE A 183 14.70 -15.93 2.67
CA ILE A 183 15.40 -15.06 1.70
C ILE A 183 14.75 -15.16 0.34
N ARG A 184 14.13 -14.09 -0.15
CA ARG A 184 13.46 -14.18 -1.44
C ARG A 184 13.28 -12.83 -2.13
N TYR A 185 13.89 -12.68 -3.30
CA TYR A 185 13.81 -11.45 -4.06
C TYR A 185 12.40 -10.91 -4.20
N ALA A 186 12.31 -9.61 -4.42
CA ALA A 186 11.03 -8.91 -4.56
C ALA A 186 10.71 -8.63 -6.02
N GLY A 187 9.43 -8.50 -6.32
CA GLY A 187 9.02 -8.21 -7.68
C GLY A 187 8.10 -7.01 -7.82
N TYR A 188 8.57 -6.02 -8.59
CA TYR A 188 7.79 -4.81 -8.83
C TYR A 188 7.22 -4.90 -10.25
N GLN A 189 6.16 -4.14 -10.53
CA GLN A 189 5.58 -4.11 -11.89
C GLN A 189 5.88 -2.76 -12.54
N MET A 190 7.00 -2.72 -13.26
CA MET A 190 7.47 -1.51 -13.93
C MET A 190 6.42 -0.69 -14.67
N PRO A 191 6.62 0.66 -14.69
CA PRO A 191 5.76 1.65 -15.35
C PRO A 191 5.33 1.10 -16.71
N ASP A 192 6.31 0.82 -17.56
CA ASP A 192 6.12 0.27 -18.91
C ASP A 192 5.36 -1.09 -18.96
N GLY A 193 4.60 -1.40 -17.90
CA GLY A 193 3.84 -2.64 -17.84
C GLY A 193 4.62 -3.94 -17.61
N THR A 194 5.94 -3.87 -17.75
CA THR A 194 6.81 -5.04 -17.56
C THR A 194 6.78 -5.50 -16.10
N ILE A 195 7.78 -6.28 -15.68
CA ILE A 195 7.86 -6.79 -14.30
C ILE A 195 9.29 -7.12 -13.88
N ARG A 196 9.95 -6.27 -13.10
CA ARG A 196 11.32 -6.59 -12.69
C ARG A 196 11.30 -7.61 -11.54
N GLY A 197 12.42 -8.29 -11.32
CA GLY A 197 12.50 -9.26 -10.24
C GLY A 197 11.63 -10.51 -10.32
N ASP A 198 11.26 -11.03 -9.15
CA ASP A 198 10.45 -12.24 -9.01
C ASP A 198 8.94 -12.04 -9.15
N ALA A 199 8.43 -12.05 -10.37
CA ALA A 199 7.00 -11.86 -10.61
C ALA A 199 6.12 -12.63 -9.61
N ALA A 200 6.70 -13.64 -9.00
CA ALA A 200 5.98 -14.46 -8.03
C ALA A 200 5.57 -13.69 -6.79
N THR A 201 6.50 -12.91 -6.24
CA THR A 201 6.24 -12.15 -5.03
C THR A 201 5.65 -10.76 -5.26
N LEU A 202 4.89 -10.57 -6.34
CA LEU A 202 4.31 -9.25 -6.56
C LEU A 202 3.50 -8.82 -5.35
N GLU A 203 2.49 -9.62 -5.02
CA GLU A 203 1.60 -9.34 -3.91
C GLU A 203 2.32 -9.02 -2.59
N PHE A 204 3.19 -9.92 -2.14
CA PHE A 204 3.91 -9.71 -0.90
C PHE A 204 4.82 -8.48 -0.97
N THR A 205 5.43 -8.22 -2.12
CA THR A 205 6.30 -7.05 -2.23
C THR A 205 5.44 -5.82 -1.94
N GLN A 206 4.29 -5.75 -2.58
CA GLN A 206 3.45 -4.61 -2.31
C GLN A 206 3.31 -4.56 -0.79
N LEU A 207 2.78 -5.62 -0.18
CA LEU A 207 2.61 -5.62 1.27
C LEU A 207 3.81 -5.01 1.99
N CYS A 208 5.01 -5.35 1.54
CA CYS A 208 6.20 -4.82 2.16
C CYS A 208 6.23 -3.30 2.06
N ILE A 209 5.86 -2.78 0.91
CA ILE A 209 5.82 -1.34 0.73
C ILE A 209 4.81 -0.80 1.72
N ASP A 210 3.58 -1.31 1.59
CA ASP A 210 2.46 -0.88 2.45
C ASP A 210 2.81 -0.88 3.93
N LEU A 211 3.88 -1.57 4.30
CA LEU A 211 4.28 -1.63 5.70
C LEU A 211 5.54 -0.83 5.90
N GLY A 212 5.82 0.04 4.92
CA GLY A 212 6.99 0.91 5.00
C GLY A 212 8.30 0.45 4.41
N TRP A 213 8.31 -0.56 3.54
CA TRP A 213 9.59 -0.98 3.00
C TRP A 213 9.95 -0.13 1.80
N LYS A 214 11.23 0.27 1.74
CA LYS A 214 11.77 1.12 0.67
C LYS A 214 12.20 0.32 -0.55
N PRO A 215 11.31 0.21 -1.56
CA PRO A 215 11.61 -0.54 -2.78
C PRO A 215 12.80 -0.11 -3.59
N ARG A 216 13.92 -0.82 -3.44
CA ARG A 216 15.10 -0.51 -4.23
C ARG A 216 14.92 -1.01 -5.67
N TYR A 217 13.68 -0.96 -6.16
CA TYR A 217 13.30 -1.39 -7.50
C TYR A 217 14.44 -2.01 -8.29
N GLY A 218 14.57 -3.34 -8.20
CA GLY A 218 15.63 -4.05 -8.91
C GLY A 218 15.26 -5.50 -9.24
N ARG A 219 16.05 -6.13 -10.10
CA ARG A 219 15.79 -7.52 -10.50
C ARG A 219 16.11 -8.57 -9.43
N PHE A 220 16.88 -8.18 -8.42
CA PHE A 220 17.25 -9.12 -7.37
C PHE A 220 17.24 -8.46 -5.98
N ASP A 221 16.12 -7.87 -5.57
CA ASP A 221 16.07 -7.24 -4.25
C ASP A 221 15.62 -8.20 -3.17
N VAL A 222 16.49 -8.54 -2.20
CA VAL A 222 16.06 -9.45 -1.16
C VAL A 222 15.05 -8.86 -0.18
N LEU A 223 13.79 -9.23 -0.35
CA LEU A 223 12.69 -8.78 0.50
C LEU A 223 12.98 -8.79 1.99
N PRO A 224 12.38 -7.86 2.73
CA PRO A 224 12.48 -7.64 4.17
C PRO A 224 11.66 -8.61 5.02
N LEU A 225 12.22 -9.02 6.15
CA LEU A 225 11.53 -9.91 7.07
C LEU A 225 10.28 -9.16 7.56
N VAL A 226 9.15 -9.85 7.65
CA VAL A 226 7.91 -9.22 8.13
C VAL A 226 7.35 -10.07 9.25
N LEU A 227 7.91 -9.85 10.43
CA LEU A 227 7.57 -10.60 11.60
C LEU A 227 6.48 -10.00 12.45
N GLN A 228 5.70 -10.88 13.07
CA GLN A 228 4.63 -10.48 13.98
C GLN A 228 4.93 -11.41 15.14
N ALA A 229 4.92 -10.87 16.34
CA ALA A 229 5.21 -11.66 17.51
C ALA A 229 4.09 -11.62 18.53
N ASP A 230 4.08 -12.61 19.42
CA ASP A 230 3.06 -12.74 20.45
C ASP A 230 1.73 -12.71 19.73
N GLY A 231 1.35 -11.53 19.24
CA GLY A 231 0.11 -11.41 18.49
C GLY A 231 0.03 -10.07 17.81
N GLN A 232 0.97 -9.18 18.10
CA GLN A 232 0.92 -7.83 17.53
C GLN A 232 0.95 -7.79 16.02
N ASP A 233 0.80 -6.60 15.47
CA ASP A 233 0.83 -6.45 14.04
C ASP A 233 2.23 -6.82 13.58
N PRO A 234 2.42 -7.07 12.27
CA PRO A 234 3.75 -7.43 11.80
C PRO A 234 4.66 -6.20 11.75
N GLU A 235 5.94 -6.40 12.03
CA GLU A 235 6.89 -5.30 11.98
C GLU A 235 7.88 -5.60 10.88
N VAL A 236 8.14 -4.62 10.03
CA VAL A 236 9.07 -4.80 8.93
C VAL A 236 10.55 -4.69 9.31
N PHE A 237 11.35 -5.62 8.80
CA PHE A 237 12.80 -5.62 9.07
C PHE A 237 13.56 -5.97 7.79
N GLU A 238 14.70 -5.31 7.57
CA GLU A 238 15.50 -5.57 6.39
C GLU A 238 16.58 -6.58 6.77
N ILE A 239 16.91 -7.49 5.86
CA ILE A 239 17.92 -8.50 6.16
C ILE A 239 19.30 -7.91 5.91
N PRO A 240 20.22 -8.06 6.89
CA PRO A 240 21.60 -7.58 6.84
C PRO A 240 22.27 -8.05 5.54
N PRO A 241 22.33 -7.16 4.53
CA PRO A 241 22.96 -7.55 3.27
C PRO A 241 24.14 -8.51 3.37
N ASP A 242 24.89 -8.47 4.47
CA ASP A 242 26.02 -9.36 4.64
C ASP A 242 25.60 -10.82 4.86
N LEU A 243 24.44 -11.00 5.49
CA LEU A 243 23.87 -12.32 5.82
C LEU A 243 23.36 -13.15 4.63
N VAL A 244 23.07 -12.49 3.52
CA VAL A 244 22.58 -13.18 2.35
C VAL A 244 23.62 -13.54 1.29
N LEU A 245 24.08 -14.79 1.32
CA LEU A 245 25.06 -15.28 0.35
C LEU A 245 24.38 -15.68 -0.95
N GLU A 246 24.86 -15.12 -2.06
CA GLU A 246 24.30 -15.39 -3.39
C GLU A 246 25.31 -16.01 -4.35
N VAL A 247 24.82 -16.54 -5.47
CA VAL A 247 25.69 -17.12 -6.47
C VAL A 247 25.41 -16.42 -7.80
N THR A 248 26.48 -16.00 -8.48
CA THR A 248 26.38 -15.32 -9.77
C THR A 248 26.45 -16.39 -10.84
N MET A 249 25.39 -16.47 -11.64
CA MET A 249 25.29 -17.48 -12.66
C MET A 249 26.22 -17.33 -13.86
N GLU A 250 27.11 -18.28 -14.02
CA GLU A 250 28.00 -18.28 -15.17
C GLU A 250 28.17 -19.72 -15.72
N HIS A 251 28.10 -19.83 -17.05
CA HIS A 251 28.20 -21.10 -17.77
C HIS A 251 29.64 -21.50 -18.12
N PRO A 252 30.01 -22.77 -17.85
CA PRO A 252 31.36 -23.27 -18.14
C PRO A 252 31.74 -23.29 -19.61
N LYS A 253 30.88 -22.73 -20.47
CA LYS A 253 31.13 -22.66 -21.91
C LYS A 253 30.64 -21.31 -22.44
N TYR A 254 29.34 -21.24 -22.72
CA TYR A 254 28.73 -20.02 -23.22
C TYR A 254 29.05 -18.90 -22.23
N GLU A 255 30.10 -18.15 -22.51
CA GLU A 255 30.52 -17.07 -21.64
C GLU A 255 29.62 -15.83 -21.76
N TRP A 256 28.69 -15.87 -22.72
CA TRP A 256 27.76 -14.78 -22.89
C TRP A 256 26.74 -14.92 -21.77
N PHE A 257 26.77 -16.07 -21.11
CA PHE A 257 25.83 -16.39 -20.05
C PHE A 257 25.86 -15.45 -18.86
N GLN A 258 27.04 -15.13 -18.35
CA GLN A 258 27.09 -14.22 -17.21
C GLN A 258 26.57 -12.85 -17.64
N GLU A 259 26.79 -12.52 -18.92
CA GLU A 259 26.32 -11.25 -19.45
C GLU A 259 24.84 -11.14 -19.14
N LEU A 260 24.18 -12.28 -19.01
CA LEU A 260 22.76 -12.32 -18.69
C LEU A 260 22.46 -11.55 -17.40
N GLY A 261 23.50 -11.36 -16.58
CA GLY A 261 23.35 -10.67 -15.32
C GLY A 261 22.50 -11.46 -14.34
N LEU A 262 22.78 -12.77 -14.23
CA LEU A 262 22.01 -13.65 -13.37
C LEU A 262 22.72 -14.18 -12.13
N LYS A 263 21.91 -14.36 -11.08
CA LYS A 263 22.34 -14.87 -9.77
C LYS A 263 21.14 -15.42 -8.99
N TRP A 264 21.38 -15.92 -7.77
CA TRP A 264 20.31 -16.47 -6.90
C TRP A 264 20.83 -16.72 -5.49
N TYR A 265 19.98 -16.63 -4.46
CA TYR A 265 20.47 -16.87 -3.11
C TYR A 265 20.80 -18.33 -2.86
N ALA A 266 21.78 -18.57 -2.00
CA ALA A 266 22.20 -19.92 -1.74
C ALA A 266 21.35 -20.56 -0.68
N LEU A 267 20.51 -19.76 -0.01
CA LEU A 267 19.75 -20.33 1.09
C LEU A 267 18.25 -20.49 1.00
N PRO A 268 17.81 -21.75 0.89
CA PRO A 268 16.43 -22.18 0.79
C PRO A 268 15.92 -22.47 2.20
N ALA A 269 15.07 -21.59 2.70
CA ALA A 269 14.49 -21.77 4.03
C ALA A 269 13.02 -21.41 3.94
N VAL A 270 12.18 -22.36 4.38
CA VAL A 270 10.73 -22.23 4.36
C VAL A 270 10.35 -21.58 5.67
N ALA A 271 9.69 -20.43 5.59
CA ALA A 271 9.36 -19.72 6.80
C ALA A 271 7.93 -19.64 7.24
N ASN A 272 6.99 -20.17 6.48
CA ASN A 272 5.59 -20.07 6.89
C ASN A 272 4.89 -21.39 7.17
N MET A 273 5.62 -22.43 7.53
CA MET A 273 5.00 -23.72 7.78
C MET A 273 4.77 -23.85 9.26
N LEU A 274 3.85 -24.73 9.63
CA LEU A 274 3.53 -24.96 11.04
C LEU A 274 3.95 -26.35 11.50
N LEU A 275 4.66 -26.40 12.63
CA LEU A 275 5.08 -27.68 13.16
C LEU A 275 4.09 -28.13 14.18
N GLU A 276 3.50 -29.29 13.92
CA GLU A 276 2.56 -29.90 14.85
C GLU A 276 3.25 -31.14 15.44
N VAL A 277 3.15 -31.28 16.76
CA VAL A 277 3.74 -32.39 17.51
C VAL A 277 3.01 -32.50 18.84
N GLY A 278 2.74 -33.72 19.27
CA GLY A 278 2.04 -33.94 20.53
C GLY A 278 0.90 -32.96 20.77
N GLY A 279 -0.01 -32.84 19.81
CA GLY A 279 -1.14 -31.96 20.00
C GLY A 279 -0.80 -30.49 20.12
N LEU A 280 0.48 -30.17 20.09
CA LEU A 280 0.91 -28.77 20.16
C LEU A 280 1.21 -28.35 18.75
N GLU A 281 1.24 -27.03 18.54
CA GLU A 281 1.50 -26.53 17.21
C GLU A 281 2.23 -25.18 17.31
N PHE A 282 3.28 -25.02 16.51
CA PHE A 282 4.06 -23.78 16.50
C PHE A 282 3.87 -23.16 15.12
N PRO A 283 3.10 -22.05 15.04
CA PRO A 283 2.81 -21.33 13.79
C PRO A 283 3.95 -20.52 13.18
N ALA A 284 5.16 -20.69 13.70
CA ALA A 284 6.34 -20.01 13.19
C ALA A 284 7.55 -20.85 13.57
N CYS A 285 8.30 -21.31 12.57
CA CYS A 285 9.48 -22.13 12.85
C CYS A 285 10.33 -22.34 11.61
N PRO A 286 10.81 -21.25 10.99
CA PRO A 286 11.62 -21.43 9.80
C PRO A 286 12.65 -22.58 9.84
N PHE A 287 12.80 -23.23 8.68
CA PHE A 287 13.74 -24.32 8.51
C PHE A 287 14.39 -24.22 7.13
N ASN A 288 15.64 -24.67 7.05
CA ASN A 288 16.41 -24.62 5.79
C ASN A 288 17.21 -25.90 5.50
N GLY A 289 17.43 -26.15 4.22
CA GLY A 289 18.20 -27.29 3.79
C GLY A 289 19.14 -26.66 2.78
N TRP A 290 19.29 -27.27 1.61
CA TRP A 290 20.13 -26.69 0.57
C TRP A 290 19.47 -27.02 -0.75
N TYR A 291 19.69 -26.18 -1.75
CA TYR A 291 19.07 -26.33 -3.04
C TYR A 291 19.35 -27.58 -3.86
N MET A 292 18.38 -27.90 -4.71
CA MET A 292 18.48 -29.03 -5.62
C MET A 292 18.45 -28.35 -6.98
N GLY A 293 19.61 -28.19 -7.59
CA GLY A 293 19.68 -27.53 -8.88
C GLY A 293 18.37 -27.14 -9.59
N THR A 294 17.72 -28.13 -10.18
CA THR A 294 16.49 -27.90 -10.94
C THR A 294 15.47 -26.96 -10.31
N GLU A 295 15.66 -26.59 -9.05
CA GLU A 295 14.71 -25.69 -8.39
C GLU A 295 14.91 -24.27 -8.90
N ILE A 296 16.18 -23.88 -8.96
CA ILE A 296 16.59 -22.57 -9.42
C ILE A 296 16.60 -22.51 -10.93
N GLY A 297 17.29 -23.47 -11.55
CA GLY A 297 17.41 -23.51 -12.99
C GLY A 297 16.11 -23.70 -13.75
N VAL A 298 15.27 -24.58 -13.25
CA VAL A 298 14.02 -24.85 -13.94
C VAL A 298 12.85 -24.00 -13.50
N ARG A 299 12.48 -24.14 -12.23
CA ARG A 299 11.35 -23.40 -11.67
C ARG A 299 11.49 -21.88 -11.61
N ASP A 300 12.45 -21.41 -10.83
CA ASP A 300 12.68 -19.98 -10.65
C ASP A 300 13.07 -19.12 -11.86
N PHE A 301 13.93 -19.65 -12.73
CA PHE A 301 14.37 -18.90 -13.92
C PHE A 301 13.46 -19.02 -15.13
N CYS A 302 12.91 -20.21 -15.35
CA CYS A 302 12.09 -20.47 -16.53
C CYS A 302 10.58 -20.27 -16.48
N ASP A 303 9.95 -20.57 -15.34
CA ASP A 303 8.50 -20.40 -15.22
C ASP A 303 8.07 -19.06 -15.79
N THR A 304 6.86 -18.99 -16.34
CA THR A 304 6.37 -17.73 -16.88
C THR A 304 5.94 -16.79 -15.76
N GLN A 305 5.71 -17.35 -14.59
CA GLN A 305 5.28 -16.59 -13.42
C GLN A 305 6.46 -16.20 -12.52
N ARG A 306 7.68 -16.29 -13.05
CA ARG A 306 8.87 -15.94 -12.27
C ARG A 306 9.74 -15.02 -13.12
N TYR A 307 10.94 -15.47 -13.48
CA TYR A 307 11.81 -14.65 -14.31
C TYR A 307 11.55 -14.85 -15.79
N ASN A 308 11.22 -16.08 -16.17
CA ASN A 308 10.90 -16.38 -17.57
C ASN A 308 12.07 -15.98 -18.46
N ILE A 309 13.19 -16.69 -18.38
CA ILE A 309 14.34 -16.35 -19.20
C ILE A 309 14.53 -17.28 -20.39
N LEU A 310 13.85 -18.44 -20.35
CA LEU A 310 13.95 -19.47 -21.40
C LEU A 310 14.10 -18.93 -22.81
N GLU A 311 13.32 -17.91 -23.13
CA GLU A 311 13.35 -17.28 -24.45
C GLU A 311 14.75 -16.97 -24.96
N GLU A 312 15.33 -15.87 -24.47
CA GLU A 312 16.64 -15.48 -24.95
C GLU A 312 17.81 -16.40 -24.66
N VAL A 313 17.66 -17.32 -23.72
CA VAL A 313 18.77 -18.24 -23.44
C VAL A 313 18.97 -19.18 -24.61
N GLY A 314 17.90 -19.38 -25.38
CA GLY A 314 17.97 -20.25 -26.54
C GLY A 314 18.45 -19.44 -27.72
N ARG A 315 18.01 -18.18 -27.76
CA ARG A 315 18.40 -17.28 -28.82
C ARG A 315 19.91 -17.30 -28.88
N ARG A 316 20.52 -17.03 -27.74
CA ARG A 316 21.96 -16.99 -27.66
C ARG A 316 22.62 -18.34 -27.85
N MET A 317 21.85 -19.33 -28.29
CA MET A 317 22.39 -20.65 -28.53
C MET A 317 22.19 -20.98 -30.00
N GLY A 318 21.61 -20.01 -30.71
CA GLY A 318 21.36 -20.18 -32.13
C GLY A 318 20.03 -20.84 -32.38
N LEU A 319 19.66 -21.74 -31.49
CA LEU A 319 18.41 -22.49 -31.61
C LEU A 319 17.22 -21.70 -32.14
N GLU A 320 16.43 -22.35 -33.00
CA GLU A 320 15.25 -21.73 -33.60
C GLU A 320 14.19 -21.56 -32.54
N THR A 321 13.99 -20.33 -32.10
CA THR A 321 13.02 -20.04 -31.07
C THR A 321 11.62 -19.80 -31.67
N HIS A 322 11.34 -20.41 -32.81
CA HIS A 322 10.04 -20.25 -33.44
C HIS A 322 9.36 -21.58 -33.76
N THR A 323 10.09 -22.66 -33.49
CA THR A 323 9.59 -24.01 -33.75
C THR A 323 9.62 -24.82 -32.47
N LEU A 324 8.47 -24.96 -31.80
CA LEU A 324 8.39 -25.76 -30.56
C LEU A 324 9.02 -27.13 -30.80
N ALA A 325 8.59 -27.74 -31.91
CA ALA A 325 9.04 -29.04 -32.35
C ALA A 325 10.56 -29.18 -32.37
N SER A 326 11.25 -28.04 -32.42
CA SER A 326 12.71 -28.05 -32.45
C SER A 326 13.31 -28.39 -31.12
N LEU A 327 12.47 -28.37 -30.08
CA LEU A 327 12.89 -28.71 -28.71
C LEU A 327 13.98 -27.81 -28.12
N TRP A 328 14.11 -26.60 -28.63
CA TRP A 328 15.11 -25.68 -28.10
C TRP A 328 14.98 -25.57 -26.60
N LYS A 329 13.75 -25.33 -26.14
CA LYS A 329 13.47 -25.21 -24.73
C LYS A 329 14.19 -26.31 -23.99
N ASP A 330 14.01 -27.54 -24.43
CA ASP A 330 14.69 -28.66 -23.80
C ASP A 330 16.20 -28.42 -23.77
N ARG A 331 16.75 -27.94 -24.86
CA ARG A 331 18.18 -27.68 -24.90
C ARG A 331 18.58 -26.54 -23.98
N ALA A 332 17.79 -25.44 -24.02
CA ALA A 332 18.06 -24.26 -23.20
C ALA A 332 18.12 -24.64 -21.73
N VAL A 333 16.96 -24.99 -21.19
CA VAL A 333 16.85 -25.38 -19.80
C VAL A 333 18.04 -26.22 -19.39
N THR A 334 18.33 -27.26 -20.15
CA THR A 334 19.46 -28.12 -19.82
C THR A 334 20.68 -27.30 -19.49
N GLU A 335 21.07 -26.41 -20.40
CA GLU A 335 22.26 -25.58 -20.21
C GLU A 335 22.17 -24.65 -18.98
N ILE A 336 20.97 -24.08 -18.77
CA ILE A 336 20.74 -23.22 -17.62
C ILE A 336 21.11 -23.98 -16.35
N ASN A 337 20.62 -25.21 -16.23
CA ASN A 337 20.89 -26.08 -15.09
C ASN A 337 22.36 -26.43 -14.95
N VAL A 338 23.06 -26.53 -16.08
CA VAL A 338 24.47 -26.86 -16.03
C VAL A 338 25.23 -25.66 -15.46
N ALA A 339 24.64 -24.49 -15.68
CA ALA A 339 25.20 -23.24 -15.21
C ALA A 339 25.10 -23.22 -13.69
N VAL A 340 23.87 -23.25 -13.21
CA VAL A 340 23.61 -23.23 -11.79
C VAL A 340 24.50 -24.23 -11.06
N LEU A 341 24.52 -25.48 -11.53
CA LEU A 341 25.34 -26.51 -10.92
C LEU A 341 26.81 -26.11 -10.95
N HIS A 342 27.21 -25.47 -12.05
CA HIS A 342 28.58 -25.00 -12.22
C HIS A 342 28.79 -23.87 -11.23
N SER A 343 28.12 -22.75 -11.49
CA SER A 343 28.22 -21.59 -10.61
C SER A 343 28.27 -21.99 -9.14
N PHE A 344 27.25 -22.68 -8.64
CA PHE A 344 27.28 -23.09 -7.24
C PHE A 344 28.59 -23.85 -6.98
N GLN A 345 28.76 -24.95 -7.68
CA GLN A 345 29.96 -25.77 -7.54
C GLN A 345 31.17 -24.83 -7.41
N LYS A 346 31.44 -24.06 -8.47
CA LYS A 346 32.56 -23.11 -8.50
C LYS A 346 32.64 -22.28 -7.23
N GLN A 347 31.65 -21.44 -7.01
CA GLN A 347 31.64 -20.57 -5.83
C GLN A 347 31.46 -21.27 -4.48
N ASN A 348 31.83 -22.56 -4.42
CA ASN A 348 31.71 -23.36 -3.20
C ASN A 348 30.45 -23.23 -2.34
N VAL A 349 29.29 -23.27 -2.97
CA VAL A 349 28.02 -23.18 -2.28
C VAL A 349 27.37 -24.55 -2.48
N THR A 350 27.10 -25.26 -1.38
CA THR A 350 26.52 -26.59 -1.47
C THR A 350 25.26 -26.65 -2.33
N ILE A 351 25.15 -27.73 -3.10
CA ILE A 351 24.01 -27.92 -3.98
C ILE A 351 23.92 -29.39 -4.39
N MET A 352 22.77 -29.79 -4.95
CA MET A 352 22.54 -31.17 -5.36
C MET A 352 21.84 -31.22 -6.71
N ASP A 353 22.43 -31.93 -7.67
CA ASP A 353 21.83 -32.07 -8.99
C ASP A 353 20.66 -33.02 -8.82
N HIS A 354 19.59 -32.76 -9.55
CA HIS A 354 18.42 -33.60 -9.37
C HIS A 354 18.63 -35.10 -9.51
N HIS A 355 19.60 -35.54 -10.30
CA HIS A 355 19.82 -36.99 -10.47
C HIS A 355 20.33 -37.71 -9.21
N THR A 356 21.39 -37.19 -8.63
CA THR A 356 21.94 -37.80 -7.44
C THR A 356 20.87 -37.70 -6.34
N ALA A 357 20.15 -36.58 -6.31
CA ALA A 357 19.09 -36.38 -5.31
C ALA A 357 18.18 -37.59 -5.28
N SER A 358 17.69 -37.97 -6.44
CA SER A 358 16.79 -39.09 -6.57
C SER A 358 17.39 -40.42 -6.17
N GLU A 359 18.62 -40.70 -6.60
CA GLU A 359 19.21 -41.98 -6.24
C GLU A 359 19.27 -42.10 -4.73
N SER A 360 19.59 -40.99 -4.06
CA SER A 360 19.69 -40.94 -2.59
C SER A 360 18.33 -41.05 -1.90
N PHE A 361 17.29 -40.48 -2.50
CA PHE A 361 15.98 -40.56 -1.88
C PHE A 361 15.53 -42.01 -1.96
N MET A 362 15.77 -42.63 -3.10
CA MET A 362 15.41 -44.02 -3.32
C MET A 362 16.10 -44.86 -2.25
N LYS A 363 17.38 -44.59 -2.03
CA LYS A 363 18.10 -45.31 -1.00
C LYS A 363 17.33 -45.08 0.28
N HIS A 364 17.09 -43.82 0.58
CA HIS A 364 16.34 -43.42 1.77
C HIS A 364 15.05 -44.19 1.90
N MET A 365 14.18 -44.03 0.90
CA MET A 365 12.88 -44.70 0.88
C MET A 365 13.01 -46.16 1.31
N GLN A 366 14.01 -46.84 0.74
CA GLN A 366 14.26 -48.24 1.04
C GLN A 366 14.64 -48.44 2.50
N ASN A 367 15.57 -47.65 3.01
CA ASN A 367 15.95 -47.79 4.40
C ASN A 367 14.72 -47.51 5.27
N GLU A 368 13.90 -46.58 4.80
CA GLU A 368 12.69 -46.16 5.49
C GLU A 368 11.64 -47.28 5.63
N TYR A 369 11.50 -48.16 4.63
CA TYR A 369 10.54 -49.26 4.72
C TYR A 369 11.12 -50.36 5.63
N ARG A 370 12.37 -50.72 5.41
CA ARG A 370 12.99 -51.75 6.25
C ARG A 370 12.95 -51.25 7.69
N ALA A 371 13.11 -49.94 7.85
CA ALA A 371 13.10 -49.30 9.15
C ALA A 371 11.73 -49.38 9.82
N ARG A 372 10.82 -48.52 9.41
CA ARG A 372 9.49 -48.54 10.00
C ARG A 372 8.41 -48.95 9.03
N GLY A 373 8.80 -49.80 8.08
CA GLY A 373 7.86 -50.28 7.08
C GLY A 373 6.99 -49.19 6.49
N GLY A 374 7.62 -48.21 5.84
CA GLY A 374 6.83 -47.14 5.24
C GLY A 374 7.61 -45.86 5.02
N CYS A 375 7.04 -44.99 4.19
CA CYS A 375 7.64 -43.71 3.87
C CYS A 375 6.67 -42.89 3.02
N PRO A 376 6.04 -41.88 3.63
CA PRO A 376 5.07 -40.97 3.00
C PRO A 376 5.71 -40.13 1.92
N ALA A 377 5.21 -40.23 0.70
CA ALA A 377 5.79 -39.46 -0.39
C ALA A 377 4.74 -38.93 -1.36
N ASP A 378 4.93 -37.72 -1.87
CA ASP A 378 3.99 -37.12 -2.81
C ASP A 378 4.61 -37.15 -4.21
N TRP A 379 4.70 -38.33 -4.80
CA TRP A 379 5.27 -38.50 -6.13
C TRP A 379 5.27 -37.17 -6.88
N ILE A 380 4.09 -36.61 -7.17
CA ILE A 380 3.99 -35.34 -7.90
C ILE A 380 5.09 -34.34 -7.56
N TRP A 381 5.24 -34.08 -6.27
CA TRP A 381 6.25 -33.15 -5.79
C TRP A 381 7.64 -33.70 -5.82
N LEU A 382 7.79 -34.96 -5.45
CA LEU A 382 9.11 -35.58 -5.41
C LEU A 382 9.80 -35.73 -6.76
N VAL A 383 9.07 -36.06 -7.82
CA VAL A 383 9.70 -36.21 -9.14
C VAL A 383 10.19 -34.89 -9.77
N PRO A 384 11.52 -34.73 -9.90
CA PRO A 384 12.15 -33.54 -10.47
C PRO A 384 11.34 -32.92 -11.62
N PRO A 385 11.24 -31.58 -11.67
CA PRO A 385 10.49 -30.89 -12.74
C PRO A 385 10.94 -31.08 -14.19
N VAL A 386 12.05 -31.78 -14.39
CA VAL A 386 12.60 -32.07 -15.72
C VAL A 386 13.39 -33.36 -15.62
N SER A 387 13.46 -34.12 -16.70
CA SER A 387 14.21 -35.39 -16.67
C SER A 387 13.55 -36.35 -15.69
N GLY A 388 12.22 -36.40 -15.75
CA GLY A 388 11.48 -37.25 -14.83
C GLY A 388 11.70 -38.75 -14.95
N SER A 389 11.31 -39.32 -16.07
CA SER A 389 11.48 -40.75 -16.27
C SER A 389 12.94 -41.13 -16.38
N ILE A 390 13.84 -40.14 -16.31
CA ILE A 390 15.28 -40.40 -16.35
C ILE A 390 15.76 -40.53 -14.90
N THR A 391 14.79 -40.53 -14.00
CA THR A 391 15.05 -40.59 -12.57
C THR A 391 14.43 -41.88 -12.00
N PRO A 392 15.01 -42.43 -10.93
CA PRO A 392 14.48 -43.65 -10.33
C PRO A 392 13.07 -43.45 -9.77
N VAL A 393 12.92 -42.40 -8.98
CA VAL A 393 11.65 -42.07 -8.33
C VAL A 393 10.43 -42.00 -9.24
N PHE A 394 10.65 -41.66 -10.51
CA PHE A 394 9.55 -41.59 -11.48
C PHE A 394 8.83 -42.92 -11.60
N HIS A 395 9.58 -44.02 -11.62
CA HIS A 395 9.01 -45.36 -11.75
C HIS A 395 8.86 -46.01 -10.39
N GLN A 396 8.62 -45.21 -9.37
CA GLN A 396 8.47 -45.73 -8.02
C GLN A 396 7.11 -45.37 -7.45
N GLU A 397 6.21 -46.34 -7.35
CA GLU A 397 4.90 -46.05 -6.78
C GLU A 397 5.10 -45.63 -5.33
N MET A 398 4.29 -44.69 -4.86
CA MET A 398 4.43 -44.21 -3.50
C MET A 398 3.13 -43.75 -2.90
N LEU A 399 2.96 -44.04 -1.62
CA LEU A 399 1.76 -43.64 -0.89
C LEU A 399 2.04 -42.31 -0.21
N ASN A 400 1.03 -41.46 -0.23
CA ASN A 400 1.15 -40.16 0.38
C ASN A 400 0.16 -40.09 1.52
N TYR A 401 0.67 -39.95 2.74
CA TYR A 401 -0.19 -39.85 3.91
C TYR A 401 0.36 -38.93 4.99
N VAL A 402 -0.54 -38.38 5.80
CA VAL A 402 -0.16 -37.48 6.87
C VAL A 402 0.04 -38.18 8.23
N LEU A 403 1.26 -38.14 8.73
CA LEU A 403 1.55 -38.72 10.02
C LEU A 403 1.75 -37.54 10.93
N SER A 404 2.36 -37.79 12.09
CA SER A 404 2.66 -36.76 13.08
C SER A 404 3.86 -37.22 13.94
N PRO A 405 4.75 -36.29 14.31
CA PRO A 405 4.70 -34.86 13.96
C PRO A 405 4.61 -34.60 12.45
N PHE A 406 4.41 -33.35 12.07
CA PHE A 406 4.24 -33.04 10.66
C PHE A 406 4.37 -31.54 10.45
N TYR A 407 4.65 -31.10 9.22
CA TYR A 407 4.78 -29.67 8.93
C TYR A 407 3.63 -29.21 8.03
N TYR A 408 2.59 -28.60 8.61
CA TYR A 408 1.43 -28.14 7.83
C TYR A 408 1.54 -26.74 7.25
N TYR A 409 0.95 -26.52 6.08
CA TYR A 409 0.92 -25.19 5.48
C TYR A 409 -0.05 -24.49 6.43
N GLN A 410 -0.41 -23.24 6.16
CA GLN A 410 -1.36 -22.55 7.03
C GLN A 410 -1.79 -21.28 6.38
N ILE A 411 -3.06 -20.93 6.54
CA ILE A 411 -3.64 -19.73 5.93
C ILE A 411 -2.75 -18.52 6.00
N GLU A 412 -2.61 -17.87 4.84
CA GLU A 412 -1.79 -16.66 4.72
C GLU A 412 -2.28 -15.65 5.76
N PRO A 413 -1.40 -15.25 6.70
CA PRO A 413 -1.66 -14.31 7.79
C PRO A 413 -2.46 -13.05 7.46
N TRP A 414 -2.11 -12.33 6.40
CA TRP A 414 -2.86 -11.12 6.09
C TRP A 414 -4.34 -11.43 5.92
N LYS A 415 -4.64 -12.55 5.27
CA LYS A 415 -6.03 -12.95 5.08
C LYS A 415 -6.72 -13.19 6.42
N THR A 416 -5.95 -13.42 7.50
CA THR A 416 -6.56 -13.67 8.81
C THR A 416 -5.88 -12.92 9.95
N HIS A 417 -6.02 -11.60 9.96
CA HIS A 417 -5.42 -10.78 11.00
C HIS A 417 -6.38 -9.79 11.65
N ILE A 418 -5.91 -9.17 12.72
CA ILE A 418 -6.70 -8.21 13.48
C ILE A 418 -5.93 -6.89 13.59
N TRP A 419 -6.04 -6.04 12.57
CA TRP A 419 -5.33 -4.76 12.56
C TRP A 419 -5.99 -3.67 13.42
N GLN A 420 -5.18 -2.97 14.20
CA GLN A 420 -5.67 -1.90 15.07
C GLN A 420 -4.93 -0.59 14.82
N GLN B 1 3.94 23.65 25.95
CA GLN B 1 4.93 22.72 25.35
C GLN B 1 5.78 23.43 24.29
N TYR B 2 5.31 23.40 23.04
CA TYR B 2 6.00 24.02 21.91
C TYR B 2 5.09 24.03 20.66
N VAL B 3 5.37 24.90 19.70
CA VAL B 3 4.57 24.96 18.48
C VAL B 3 5.30 24.39 17.28
N ARG B 4 4.68 23.44 16.59
CA ARG B 4 5.28 22.82 15.42
C ARG B 4 5.18 23.80 14.23
N ILE B 5 6.25 23.89 13.44
CA ILE B 5 6.30 24.75 12.26
C ILE B 5 6.89 24.00 11.08
N LYS B 6 6.15 23.92 9.98
CA LYS B 6 6.60 23.19 8.80
C LYS B 6 7.19 24.15 7.79
N ASN B 7 7.98 23.61 6.87
CA ASN B 7 8.62 24.37 5.80
C ASN B 7 8.31 23.63 4.51
N TRP B 8 7.06 23.69 4.09
CA TRP B 8 6.58 23.03 2.88
C TRP B 8 7.57 22.77 1.77
N GLY B 9 8.61 23.58 1.70
CA GLY B 9 9.63 23.38 0.68
C GLY B 9 10.47 22.20 1.10
N SER B 10 11.21 22.37 2.20
CA SER B 10 12.08 21.35 2.77
C SER B 10 11.24 20.24 3.35
N GLY B 11 10.01 20.57 3.70
CA GLY B 11 9.12 19.60 4.32
C GLY B 11 9.59 19.40 5.75
N GLU B 12 10.70 20.05 6.08
CA GLU B 12 11.31 19.97 7.40
C GLU B 12 10.43 20.61 8.48
N ILE B 13 10.66 20.26 9.74
CA ILE B 13 9.85 20.82 10.84
C ILE B 13 10.67 21.39 11.99
N LEU B 14 10.09 22.37 12.67
CA LEU B 14 10.74 23.02 13.80
C LEU B 14 9.74 23.16 14.91
N HIS B 15 10.23 23.19 16.15
CA HIS B 15 9.40 23.31 17.34
C HIS B 15 9.83 24.58 18.04
N ASP B 16 8.93 25.56 18.13
CA ASP B 16 9.28 26.82 18.75
C ASP B 16 9.06 26.85 20.25
N THR B 17 10.15 27.06 21.00
CA THR B 17 10.12 27.11 22.46
C THR B 17 10.09 28.57 22.92
N LEU B 18 10.93 29.38 22.30
CA LEU B 18 11.08 30.80 22.62
C LEU B 18 9.81 31.65 22.71
N HIS B 19 8.77 31.31 21.96
CA HIS B 19 7.54 32.10 21.98
C HIS B 19 6.96 32.22 23.37
N HIS B 20 7.43 31.36 24.27
CA HIS B 20 6.97 31.37 25.64
C HIS B 20 7.54 32.61 26.31
N LYS B 21 8.80 32.90 26.01
CA LYS B 21 9.44 34.07 26.60
C LYS B 21 8.91 35.32 25.88
N ALA B 22 7.68 35.25 25.40
CA ALA B 22 7.03 36.36 24.68
C ALA B 22 6.98 37.64 25.51
N THR B 23 6.04 38.53 25.19
CA THR B 23 5.95 39.79 25.92
C THR B 23 4.56 40.14 26.44
N SER B 24 4.57 40.94 27.50
CA SER B 24 3.36 41.43 28.18
C SER B 24 2.21 41.70 27.21
N SER B 32 1.77 36.72 19.93
CA SER B 32 2.16 35.34 19.52
C SER B 32 1.45 34.93 18.23
N CYS B 33 0.92 35.91 17.51
CA CYS B 33 0.19 35.68 16.25
C CYS B 33 0.73 34.49 15.46
N LEU B 34 -0.18 33.70 14.91
CA LEU B 34 0.18 32.53 14.12
C LEU B 34 0.34 33.03 12.68
N GLY B 35 -0.78 33.52 12.12
CA GLY B 35 -0.79 34.04 10.76
C GLY B 35 -0.03 33.27 9.70
N SER B 36 1.28 33.21 9.88
CA SER B 36 2.19 32.52 8.99
C SER B 36 1.88 31.04 8.81
N ILE B 37 1.06 30.49 9.70
CA ILE B 37 0.67 29.07 9.62
C ILE B 37 -0.32 28.85 8.48
N MET B 38 -0.23 27.68 7.86
CA MET B 38 -1.08 27.34 6.72
C MET B 38 -2.36 26.63 7.16
N ASN B 39 -2.21 25.63 8.01
CA ASN B 39 -3.34 24.88 8.51
C ASN B 39 -3.50 25.07 10.02
N PRO B 40 -3.98 26.24 10.44
CA PRO B 40 -4.17 26.52 11.88
C PRO B 40 -5.45 25.88 12.37
N LYS B 41 -5.47 25.40 13.60
CA LYS B 41 -6.68 24.78 14.12
C LYS B 41 -7.81 25.80 14.07
N SER B 42 -7.45 27.07 14.17
CA SER B 42 -8.45 28.12 14.12
C SER B 42 -9.19 28.09 12.80
N LEU B 43 -8.67 27.32 11.85
CA LEU B 43 -9.26 27.20 10.52
C LEU B 43 -9.59 25.77 10.14
N THR B 44 -9.89 24.95 11.13
CA THR B 44 -10.22 23.55 10.92
C THR B 44 -11.48 23.15 11.66
N ARG B 45 -12.33 22.37 11.00
CA ARG B 45 -13.56 21.89 11.62
C ARG B 45 -13.47 20.35 11.55
N GLY B 46 -12.88 19.77 12.59
CA GLY B 46 -12.67 18.34 12.64
C GLY B 46 -13.86 17.42 12.75
N PRO B 47 -13.60 16.12 12.97
CA PRO B 47 -14.58 15.03 13.11
C PRO B 47 -15.52 15.17 14.32
N ARG B 48 -16.45 14.22 14.43
CA ARG B 48 -17.40 14.22 15.53
C ARG B 48 -17.77 12.79 15.91
N ASP B 49 -18.54 12.65 16.99
CA ASP B 49 -19.00 11.36 17.48
C ASP B 49 -20.50 11.47 17.78
N LYS B 50 -20.95 12.71 18.00
CA LYS B 50 -22.33 12.98 18.33
C LYS B 50 -22.78 14.21 17.55
N PRO B 51 -24.08 14.47 17.51
CA PRO B 51 -24.66 15.63 16.81
C PRO B 51 -24.25 16.88 17.57
N THR B 52 -24.00 17.97 16.86
CA THR B 52 -23.61 19.19 17.53
C THR B 52 -24.65 19.49 18.61
N PRO B 53 -24.23 19.54 19.87
CA PRO B 53 -25.15 19.82 20.96
C PRO B 53 -26.09 21.01 20.76
N LEU B 54 -27.36 20.72 20.97
CA LEU B 54 -28.44 21.68 20.84
C LEU B 54 -28.02 23.09 21.21
N GLU B 55 -27.67 23.28 22.48
CA GLU B 55 -27.28 24.58 23.02
C GLU B 55 -26.56 25.53 22.07
N GLU B 56 -25.60 25.01 21.31
CA GLU B 56 -24.83 25.83 20.38
C GLU B 56 -25.42 25.84 18.96
N LEU B 57 -25.99 24.70 18.58
CA LEU B 57 -26.61 24.53 17.27
C LEU B 57 -27.83 25.44 17.10
N LEU B 58 -28.63 25.53 18.15
CA LEU B 58 -29.83 26.34 18.14
C LEU B 58 -29.58 27.82 17.90
N PRO B 59 -28.59 28.39 18.61
CA PRO B 59 -28.34 29.83 18.41
C PRO B 59 -27.72 30.11 17.05
N HIS B 60 -26.98 29.13 16.53
CA HIS B 60 -26.34 29.28 15.25
C HIS B 60 -27.36 29.27 14.12
N ALA B 61 -28.21 28.26 14.10
CA ALA B 61 -29.22 28.18 13.05
C ALA B 61 -29.99 29.50 13.03
N ILE B 62 -30.56 29.88 14.17
CA ILE B 62 -31.31 31.11 14.24
C ILE B 62 -30.56 32.29 13.64
N GLU B 63 -29.25 32.35 13.91
CA GLU B 63 -28.37 33.40 13.41
C GLU B 63 -28.46 33.45 11.90
N PHE B 64 -27.99 32.37 11.30
CA PHE B 64 -27.98 32.20 9.87
C PHE B 64 -29.34 32.55 9.27
N ILE B 65 -30.40 32.01 9.87
CA ILE B 65 -31.74 32.28 9.39
C ILE B 65 -32.12 33.73 9.51
N ASN B 66 -31.42 34.47 10.36
CA ASN B 66 -31.72 35.89 10.47
C ASN B 66 -30.92 36.58 9.37
N GLN B 67 -29.67 36.15 9.21
CA GLN B 67 -28.79 36.71 8.18
C GLN B 67 -29.43 36.46 6.83
N TYR B 68 -30.07 35.31 6.68
CA TYR B 68 -30.72 34.92 5.44
C TYR B 68 -31.86 35.87 5.09
N TYR B 69 -32.92 35.83 5.88
CA TYR B 69 -34.08 36.69 5.62
C TYR B 69 -33.75 38.17 5.76
N GLY B 70 -32.49 38.45 6.09
CA GLY B 70 -32.08 39.82 6.23
C GLY B 70 -31.31 40.25 5.00
N SER B 71 -31.35 39.44 3.95
CA SER B 71 -30.60 39.83 2.75
C SER B 71 -31.35 40.64 1.68
N PHE B 72 -32.48 40.14 1.16
CA PHE B 72 -33.20 40.90 0.12
C PHE B 72 -34.10 42.04 0.55
N LYS B 73 -34.20 43.04 -0.32
CA LYS B 73 -35.02 44.24 -0.11
C LYS B 73 -36.41 43.88 0.38
N GLU B 74 -37.03 44.81 1.10
CA GLU B 74 -38.37 44.60 1.64
C GLU B 74 -38.57 43.14 2.05
N ALA B 75 -38.09 42.80 3.24
CA ALA B 75 -38.16 41.43 3.76
C ALA B 75 -39.56 40.82 3.86
N LYS B 76 -39.57 39.53 4.15
CA LYS B 76 -40.81 38.77 4.32
C LYS B 76 -40.88 38.51 5.81
N ILE B 77 -40.99 39.63 6.55
CA ILE B 77 -41.08 39.63 8.00
C ILE B 77 -41.88 38.43 8.42
N GLU B 78 -42.97 38.20 7.72
CA GLU B 78 -43.85 37.07 8.01
C GLU B 78 -43.05 35.78 7.93
N GLU B 79 -42.63 35.42 6.72
CA GLU B 79 -41.88 34.19 6.50
C GLU B 79 -40.66 34.10 7.40
N HIS B 80 -40.07 35.26 7.70
CA HIS B 80 -38.89 35.32 8.56
C HIS B 80 -39.13 34.59 9.89
N LEU B 81 -40.20 34.97 10.59
CA LEU B 81 -40.54 34.34 11.87
C LEU B 81 -41.00 32.92 11.65
N ALA B 82 -41.91 32.77 10.70
CA ALA B 82 -42.46 31.46 10.36
C ALA B 82 -41.33 30.44 10.23
N ARG B 83 -40.30 30.82 9.48
CA ARG B 83 -39.13 29.95 9.27
C ARG B 83 -38.41 29.77 10.60
N LEU B 84 -38.18 30.88 11.30
CA LEU B 84 -37.51 30.85 12.60
C LEU B 84 -38.15 29.87 13.56
N GLU B 85 -39.48 29.89 13.62
CA GLU B 85 -40.22 28.98 14.50
C GLU B 85 -40.06 27.57 13.99
N ALA B 86 -40.32 27.42 12.69
CA ALA B 86 -40.24 26.13 12.03
C ALA B 86 -38.91 25.46 12.30
N VAL B 87 -37.83 26.19 12.04
CA VAL B 87 -36.49 25.65 12.24
C VAL B 87 -36.31 25.24 13.70
N THR B 88 -36.54 26.21 14.59
CA THR B 88 -36.41 25.99 16.02
C THR B 88 -37.16 24.73 16.39
N LYS B 89 -38.46 24.70 16.09
CA LYS B 89 -39.28 23.53 16.39
C LYS B 89 -38.57 22.27 15.91
N GLU B 90 -38.21 22.28 14.63
CA GLU B 90 -37.53 21.16 13.99
C GLU B 90 -36.27 20.68 14.69
N ILE B 91 -35.46 21.64 15.11
CA ILE B 91 -34.21 21.36 15.79
C ILE B 91 -34.42 20.84 17.21
N GLU B 92 -35.37 21.44 17.90
CA GLU B 92 -35.67 21.03 19.28
C GLU B 92 -36.15 19.57 19.33
N THR B 93 -36.81 19.11 18.27
CA THR B 93 -37.36 17.75 18.20
C THR B 93 -36.46 16.65 17.64
N THR B 94 -35.73 16.96 16.57
CA THR B 94 -34.84 15.99 15.95
C THR B 94 -33.39 16.27 16.27
N GLY B 95 -33.13 17.46 16.80
CA GLY B 95 -31.76 17.81 17.12
C GLY B 95 -30.99 18.07 15.84
N THR B 96 -31.62 18.78 14.92
CA THR B 96 -31.02 19.14 13.64
C THR B 96 -32.09 19.65 12.71
N TYR B 97 -31.68 20.34 11.66
CA TYR B 97 -32.61 20.86 10.70
C TYR B 97 -32.04 20.76 9.31
N GLN B 98 -32.91 21.04 8.36
CA GLN B 98 -32.55 21.01 6.95
C GLN B 98 -32.61 22.41 6.38
N LEU B 99 -31.70 22.67 5.46
CA LEU B 99 -31.63 23.94 4.78
C LEU B 99 -32.53 23.93 3.56
N THR B 100 -33.23 25.03 3.29
CA THR B 100 -34.06 25.08 2.07
C THR B 100 -33.04 25.26 0.94
N LEU B 101 -33.37 24.80 -0.26
CA LEU B 101 -32.42 24.93 -1.37
C LEU B 101 -31.99 26.37 -1.57
N ASP B 102 -32.92 27.31 -1.40
CA ASP B 102 -32.60 28.71 -1.57
C ASP B 102 -31.56 29.19 -0.54
N GLU B 103 -31.71 28.73 0.70
CA GLU B 103 -30.79 29.09 1.79
C GLU B 103 -29.41 28.47 1.51
N LEU B 104 -29.38 27.19 1.14
CA LEU B 104 -28.13 26.50 0.85
C LEU B 104 -27.37 27.24 -0.22
N ILE B 105 -28.10 27.81 -1.16
CA ILE B 105 -27.49 28.59 -2.24
C ILE B 105 -26.81 29.83 -1.61
N PHE B 106 -27.62 30.66 -0.96
CA PHE B 106 -27.16 31.87 -0.30
C PHE B 106 -25.98 31.56 0.62
N ALA B 107 -25.97 30.36 1.18
CA ALA B 107 -24.90 29.96 2.07
C ALA B 107 -23.56 29.69 1.39
N THR B 108 -23.60 29.09 0.20
CA THR B 108 -22.37 28.79 -0.56
C THR B 108 -21.73 30.06 -1.07
N LYS B 109 -22.54 31.00 -1.51
CA LYS B 109 -22.04 32.26 -2.05
C LYS B 109 -21.47 33.08 -0.93
N MET B 110 -22.16 33.04 0.19
CA MET B 110 -21.76 33.80 1.36
C MET B 110 -20.45 33.23 1.88
N ALA B 111 -20.40 31.91 1.98
CA ALA B 111 -19.23 31.19 2.48
C ALA B 111 -18.02 31.54 1.65
N TRP B 112 -18.23 31.71 0.35
CA TRP B 112 -17.18 32.07 -0.60
C TRP B 112 -16.83 33.53 -0.32
N ARG B 113 -17.87 34.35 -0.22
CA ARG B 113 -17.69 35.76 0.05
C ARG B 113 -16.80 35.92 1.27
N ASN B 114 -17.06 35.08 2.28
CA ASN B 114 -16.30 35.14 3.52
C ASN B 114 -15.00 34.35 3.56
N ALA B 115 -14.50 33.89 2.42
CA ALA B 115 -13.24 33.13 2.38
C ALA B 115 -12.08 34.12 2.42
N PRO B 116 -11.38 34.19 3.55
CA PRO B 116 -10.27 35.15 3.60
C PRO B 116 -9.14 34.90 2.62
N ARG B 117 -9.06 33.71 2.04
CA ARG B 117 -7.94 33.42 1.15
C ARG B 117 -8.20 33.40 -0.39
N CYS B 118 -9.42 33.68 -0.83
CA CYS B 118 -9.71 33.70 -2.27
C CYS B 118 -9.57 35.10 -2.87
N ILE B 119 -8.67 35.24 -3.83
CA ILE B 119 -8.42 36.51 -4.51
C ILE B 119 -9.49 36.84 -5.52
N GLY B 120 -10.35 35.86 -5.79
CA GLY B 120 -11.39 36.04 -6.78
C GLY B 120 -12.76 36.36 -6.25
N ARG B 121 -12.86 36.57 -4.95
CA ARG B 121 -14.16 36.85 -4.34
C ARG B 121 -15.11 37.80 -5.09
N ILE B 122 -14.60 38.62 -6.00
CA ILE B 122 -15.43 39.57 -6.76
C ILE B 122 -16.60 38.87 -7.47
N GLN B 123 -16.43 37.58 -7.70
CA GLN B 123 -17.44 36.76 -8.39
C GLN B 123 -18.41 36.08 -7.43
N TRP B 124 -18.09 36.12 -6.15
CA TRP B 124 -18.89 35.46 -5.13
C TRP B 124 -20.39 35.26 -5.47
N SER B 125 -21.00 36.23 -6.14
CA SER B 125 -22.41 36.15 -6.52
C SER B 125 -22.72 35.12 -7.64
N ASN B 126 -21.72 34.83 -8.47
CA ASN B 126 -21.85 33.90 -9.58
C ASN B 126 -21.43 32.48 -9.25
N LEU B 127 -22.32 31.68 -8.69
CA LEU B 127 -21.93 30.33 -8.35
C LEU B 127 -22.97 29.28 -8.70
N GLN B 128 -22.52 28.14 -9.20
CA GLN B 128 -23.42 27.06 -9.53
C GLN B 128 -23.52 26.11 -8.34
N VAL B 129 -24.75 25.90 -7.88
CA VAL B 129 -24.99 25.07 -6.73
C VAL B 129 -25.68 23.79 -7.16
N PHE B 130 -24.97 22.68 -7.00
CA PHE B 130 -25.50 21.38 -7.32
C PHE B 130 -25.89 20.74 -6.01
N ASP B 131 -27.19 20.56 -5.80
CA ASP B 131 -27.73 19.98 -4.57
C ASP B 131 -27.67 18.46 -4.56
N ALA B 132 -26.58 17.89 -4.04
CA ALA B 132 -26.44 16.44 -4.00
C ALA B 132 -26.74 15.86 -2.64
N ARG B 133 -27.52 16.60 -1.86
CA ARG B 133 -27.90 16.22 -0.50
C ARG B 133 -28.70 14.92 -0.36
N ASN B 134 -29.25 14.44 -1.46
CA ASN B 134 -30.02 13.20 -1.41
C ASN B 134 -29.11 12.02 -1.73
N CYS B 135 -27.92 12.32 -2.25
CA CYS B 135 -26.92 11.31 -2.61
C CYS B 135 -26.89 10.26 -1.50
N SER B 136 -26.37 9.07 -1.80
CA SER B 136 -26.34 8.03 -0.77
C SER B 136 -25.32 6.93 -1.03
N THR B 137 -24.67 6.99 -2.18
CA THR B 137 -23.66 5.98 -2.50
C THR B 137 -22.48 6.58 -3.25
N ALA B 138 -21.36 5.87 -3.15
CA ALA B 138 -20.11 6.27 -3.78
C ALA B 138 -20.25 6.42 -5.30
N GLN B 139 -21.11 5.59 -5.90
CA GLN B 139 -21.34 5.63 -7.34
C GLN B 139 -22.15 6.89 -7.65
N GLU B 140 -23.01 7.27 -6.72
CA GLU B 140 -23.82 8.46 -6.90
C GLU B 140 -22.91 9.68 -6.77
N MET B 141 -22.00 9.66 -5.81
CA MET B 141 -21.06 10.77 -5.64
C MET B 141 -20.40 10.93 -6.99
N PHE B 142 -19.64 9.90 -7.34
CA PHE B 142 -18.91 9.84 -8.58
C PHE B 142 -19.69 10.46 -9.75
N GLN B 143 -20.96 10.08 -9.86
CA GLN B 143 -21.79 10.60 -10.92
C GLN B 143 -21.99 12.09 -10.76
N HIS B 144 -22.20 12.52 -9.52
CA HIS B 144 -22.42 13.93 -9.24
C HIS B 144 -21.19 14.74 -9.51
N ILE B 145 -20.05 14.15 -9.19
CA ILE B 145 -18.79 14.84 -9.37
C ILE B 145 -18.54 15.02 -10.87
N CYS B 146 -18.84 13.99 -11.65
CA CYS B 146 -18.64 14.10 -13.08
C CYS B 146 -19.50 15.23 -13.57
N ARG B 147 -20.79 15.21 -13.24
CA ARG B 147 -21.67 16.30 -13.69
C ARG B 147 -21.03 17.64 -13.40
N HIS B 148 -20.45 17.77 -12.21
CA HIS B 148 -19.79 19.00 -11.80
C HIS B 148 -18.73 19.35 -12.83
N ILE B 149 -17.60 18.65 -12.74
CA ILE B 149 -16.47 18.85 -13.64
C ILE B 149 -16.98 19.24 -15.02
N LEU B 150 -17.82 18.38 -15.57
CA LEU B 150 -18.41 18.62 -16.88
C LEU B 150 -19.06 20.02 -17.01
N TYR B 151 -19.86 20.43 -16.04
CA TYR B 151 -20.50 21.74 -16.11
C TYR B 151 -19.48 22.87 -16.03
N ALA B 152 -18.57 22.72 -15.08
CA ALA B 152 -17.55 23.71 -14.84
C ALA B 152 -16.54 23.84 -15.96
N THR B 153 -16.10 22.72 -16.52
CA THR B 153 -15.11 22.81 -17.58
C THR B 153 -15.64 23.50 -18.82
N ASN B 154 -16.95 23.44 -19.02
CA ASN B 154 -17.62 24.05 -20.16
C ASN B 154 -16.70 24.40 -21.34
N ASN B 155 -16.05 23.38 -21.88
CA ASN B 155 -15.15 23.52 -23.03
C ASN B 155 -14.13 24.66 -22.89
N GLY B 156 -13.53 24.79 -21.71
CA GLY B 156 -12.54 25.84 -21.50
C GLY B 156 -13.07 27.17 -20.97
N ASN B 157 -14.32 27.48 -21.30
CA ASN B 157 -14.93 28.71 -20.82
C ASN B 157 -15.36 28.33 -19.42
N ILE B 158 -14.40 28.32 -18.50
CA ILE B 158 -14.67 27.90 -17.15
C ILE B 158 -15.83 28.57 -16.44
N ARG B 159 -16.50 27.76 -15.62
CA ARG B 159 -17.64 28.16 -14.81
C ARG B 159 -17.50 27.66 -13.37
N SER B 160 -17.74 28.59 -12.45
CA SER B 160 -17.62 28.30 -11.04
C SER B 160 -18.87 27.57 -10.57
N ALA B 161 -18.64 26.47 -9.85
CA ALA B 161 -19.70 25.67 -9.32
C ALA B 161 -19.30 25.06 -7.97
N ILE B 162 -20.24 24.33 -7.39
CA ILE B 162 -20.04 23.60 -6.16
C ILE B 162 -21.14 22.57 -6.06
N THR B 163 -20.80 21.43 -5.49
CA THR B 163 -21.77 20.37 -5.33
C THR B 163 -21.83 19.94 -3.83
N VAL B 164 -22.90 20.39 -3.19
CA VAL B 164 -23.18 20.15 -1.77
C VAL B 164 -23.69 18.74 -1.46
N PHE B 165 -22.82 17.86 -0.99
CA PHE B 165 -23.23 16.50 -0.64
C PHE B 165 -23.95 16.47 0.73
N PRO B 166 -24.33 15.25 1.21
CA PRO B 166 -25.01 15.12 2.50
C PRO B 166 -24.29 15.76 3.67
N GLN B 167 -25.05 16.42 4.56
CA GLN B 167 -24.45 17.06 5.72
C GLN B 167 -24.13 16.00 6.74
N ARG B 168 -23.18 16.31 7.60
CA ARG B 168 -22.79 15.41 8.66
C ARG B 168 -24.01 15.28 9.54
N SER B 169 -24.22 14.08 10.08
CA SER B 169 -25.35 13.81 10.96
C SER B 169 -24.85 13.58 12.37
N ASP B 170 -24.37 12.35 12.59
CA ASP B 170 -23.83 11.91 13.87
C ASP B 170 -22.32 12.07 13.84
N GLY B 171 -21.75 11.83 12.67
CA GLY B 171 -20.31 11.94 12.52
C GLY B 171 -19.73 10.66 11.96
N LYS B 172 -20.32 9.53 12.35
CA LYS B 172 -19.86 8.24 11.84
C LYS B 172 -20.42 8.01 10.43
N HIS B 173 -21.25 8.95 9.98
CA HIS B 173 -21.87 8.91 8.66
C HIS B 173 -21.52 10.21 7.93
N ASP B 174 -20.21 10.35 7.69
CA ASP B 174 -19.61 11.50 7.03
C ASP B 174 -19.30 11.20 5.56
N PHE B 175 -19.65 12.13 4.67
CA PHE B 175 -19.34 11.99 3.25
C PHE B 175 -18.01 12.67 2.99
N ARG B 176 -17.01 11.92 2.55
CA ARG B 176 -15.72 12.54 2.33
C ARG B 176 -15.02 12.25 1.02
N LEU B 177 -14.67 13.31 0.29
CA LEU B 177 -13.92 13.14 -0.94
C LEU B 177 -12.51 13.13 -0.37
N TRP B 178 -11.79 12.03 -0.53
CA TRP B 178 -10.46 11.91 0.00
C TRP B 178 -9.41 12.71 -0.76
N ASN B 179 -9.76 13.14 -1.97
CA ASN B 179 -8.81 13.91 -2.76
C ASN B 179 -8.69 15.36 -2.30
N SER B 180 -7.48 15.91 -2.34
CA SER B 180 -7.26 17.30 -1.96
C SER B 180 -8.11 18.10 -2.95
N GLN B 181 -7.92 17.77 -4.22
CA GLN B 181 -8.64 18.43 -5.28
C GLN B 181 -9.41 17.43 -6.15
N LEU B 182 -10.24 17.97 -7.04
CA LEU B 182 -11.00 17.13 -7.94
C LEU B 182 -10.07 16.52 -8.99
N ILE B 183 -9.29 17.37 -9.66
CA ILE B 183 -8.36 16.95 -10.71
C ILE B 183 -6.93 17.29 -10.34
N ARG B 184 -6.09 16.28 -10.16
CA ARG B 184 -4.69 16.52 -9.76
C ARG B 184 -3.79 15.35 -10.16
N TYR B 185 -2.64 15.64 -10.78
CA TYR B 185 -1.70 14.60 -11.22
C TYR B 185 -1.13 13.81 -10.05
N ALA B 186 -0.68 12.60 -10.34
CA ALA B 186 -0.10 11.75 -9.31
C ALA B 186 1.41 11.85 -9.39
N GLY B 187 2.11 11.45 -8.33
CA GLY B 187 3.56 11.52 -8.35
C GLY B 187 4.19 10.28 -7.76
N TYR B 188 4.95 9.56 -8.57
CA TYR B 188 5.61 8.33 -8.11
C TYR B 188 7.09 8.58 -7.88
N GLN B 189 7.66 7.92 -6.89
CA GLN B 189 9.09 8.06 -6.62
C GLN B 189 9.85 6.98 -7.36
N MET B 190 10.14 7.26 -8.63
CA MET B 190 10.87 6.34 -9.51
C MET B 190 12.00 5.56 -8.83
N PRO B 191 12.33 4.37 -9.38
CA PRO B 191 13.36 3.42 -8.95
C PRO B 191 14.70 4.13 -8.69
N ASP B 192 15.18 4.80 -9.72
CA ASP B 192 16.42 5.58 -9.72
C ASP B 192 16.37 6.77 -8.76
N GLY B 193 15.50 6.69 -7.75
CA GLY B 193 15.37 7.75 -6.76
C GLY B 193 14.68 9.04 -7.20
N THR B 194 14.62 9.28 -8.51
CA THR B 194 13.98 10.48 -9.03
C THR B 194 12.48 10.46 -8.64
N ILE B 195 11.75 11.53 -8.95
CA ILE B 195 10.32 11.57 -8.64
C ILE B 195 9.51 12.03 -9.85
N ARG B 196 8.78 11.14 -10.51
CA ARG B 196 7.97 11.56 -11.66
C ARG B 196 6.73 12.34 -11.19
N GLY B 197 6.19 13.16 -12.10
CA GLY B 197 5.00 13.94 -11.80
C GLY B 197 5.03 14.98 -10.71
N ASP B 198 3.91 15.11 -10.02
CA ASP B 198 3.75 16.06 -8.94
C ASP B 198 4.24 15.39 -7.66
N ALA B 199 5.42 15.78 -7.21
CA ALA B 199 5.94 15.19 -5.99
C ALA B 199 5.07 15.51 -4.79
N ALA B 200 4.40 16.65 -4.84
CA ALA B 200 3.54 17.05 -3.73
C ALA B 200 2.57 15.94 -3.31
N THR B 201 1.93 15.34 -4.31
CA THR B 201 0.94 14.29 -4.10
C THR B 201 1.53 12.88 -3.98
N LEU B 202 2.74 12.76 -3.46
CA LEU B 202 3.35 11.44 -3.32
C LEU B 202 2.57 10.54 -2.38
N GLU B 203 2.26 11.09 -1.21
CA GLU B 203 1.55 10.35 -0.18
C GLU B 203 0.21 9.83 -0.65
N PHE B 204 -0.58 10.70 -1.29
CA PHE B 204 -1.90 10.33 -1.77
C PHE B 204 -1.85 9.31 -2.91
N THR B 205 -0.84 9.44 -3.78
CA THR B 205 -0.73 8.50 -4.90
C THR B 205 -0.54 7.10 -4.34
N GLN B 206 0.30 6.97 -3.33
CA GLN B 206 0.53 5.67 -2.73
C GLN B 206 -0.85 5.15 -2.30
N LEU B 207 -1.51 5.87 -1.39
CA LEU B 207 -2.83 5.43 -0.91
C LEU B 207 -3.75 4.99 -2.06
N CYS B 208 -3.68 5.69 -3.19
CA CYS B 208 -4.53 5.34 -4.31
C CYS B 208 -4.13 3.96 -4.76
N ILE B 209 -2.84 3.73 -4.95
CA ILE B 209 -2.35 2.43 -5.36
C ILE B 209 -2.90 1.38 -4.39
N ASP B 210 -2.77 1.65 -3.10
CA ASP B 210 -3.23 0.69 -2.09
C ASP B 210 -4.74 0.41 -2.18
N LEU B 211 -5.55 1.40 -2.52
CA LEU B 211 -6.99 1.17 -2.65
C LEU B 211 -7.32 0.56 -4.01
N GLY B 212 -6.32 -0.02 -4.66
CA GLY B 212 -6.54 -0.65 -5.96
C GLY B 212 -6.40 0.14 -7.26
N TRP B 213 -5.77 1.30 -7.21
CA TRP B 213 -5.60 2.12 -8.42
C TRP B 213 -4.41 1.59 -9.21
N LYS B 214 -4.49 1.70 -10.54
CA LYS B 214 -3.41 1.21 -11.39
C LYS B 214 -2.48 2.33 -11.88
N PRO B 215 -1.38 2.56 -11.15
CA PRO B 215 -0.46 3.62 -11.55
C PRO B 215 0.07 3.49 -12.94
N ARG B 216 -0.30 4.44 -13.79
CA ARG B 216 0.19 4.44 -15.16
C ARG B 216 1.57 5.11 -15.21
N TYR B 217 2.20 5.22 -14.04
CA TYR B 217 3.53 5.82 -13.86
C TYR B 217 3.95 6.75 -15.00
N GLY B 218 3.59 8.03 -14.87
CA GLY B 218 3.93 9.02 -15.87
C GLY B 218 4.15 10.38 -15.22
N ARG B 219 4.18 11.46 -16.02
CA ARG B 219 4.37 12.80 -15.47
C ARG B 219 3.07 13.54 -15.26
N PHE B 220 2.06 13.24 -16.07
CA PHE B 220 0.76 13.91 -15.93
C PHE B 220 -0.41 12.93 -15.86
N ASP B 221 -0.40 12.04 -14.87
CA ASP B 221 -1.46 11.06 -14.71
C ASP B 221 -2.51 11.65 -13.79
N VAL B 222 -3.75 11.75 -14.26
CA VAL B 222 -4.80 12.32 -13.43
C VAL B 222 -5.25 11.34 -12.37
N LEU B 223 -4.90 11.63 -11.12
CA LEU B 223 -5.27 10.77 -10.00
C LEU B 223 -6.72 10.38 -10.03
N PRO B 224 -7.03 9.24 -9.39
CA PRO B 224 -8.41 8.77 -9.35
C PRO B 224 -9.20 9.41 -8.22
N LEU B 225 -10.50 9.41 -8.38
CA LEU B 225 -11.36 9.95 -7.37
C LEU B 225 -11.48 8.90 -6.27
N VAL B 226 -11.25 9.30 -5.03
CA VAL B 226 -11.38 8.39 -3.90
C VAL B 226 -12.54 8.97 -3.11
N LEU B 227 -13.63 8.22 -3.11
CA LEU B 227 -14.83 8.67 -2.47
C LEU B 227 -15.40 7.73 -1.43
N GLN B 228 -15.82 8.28 -0.31
CA GLN B 228 -16.44 7.48 0.73
C GLN B 228 -17.81 8.13 0.91
N ALA B 229 -18.84 7.30 0.94
CA ALA B 229 -20.20 7.79 1.11
C ALA B 229 -20.74 7.42 2.50
N ASP B 230 -21.76 8.16 2.93
CA ASP B 230 -22.39 7.95 4.22
C ASP B 230 -21.32 7.80 5.27
N GLY B 231 -20.70 6.63 5.32
CA GLY B 231 -19.64 6.42 6.29
C GLY B 231 -18.79 5.25 5.90
N GLN B 232 -19.07 4.68 4.72
CA GLN B 232 -18.29 3.52 4.27
C GLN B 232 -16.84 3.85 4.00
N ASP B 233 -16.08 2.82 3.67
CA ASP B 233 -14.69 3.00 3.37
C ASP B 233 -14.62 3.69 2.01
N PRO B 234 -13.45 4.21 1.65
CA PRO B 234 -13.30 4.90 0.36
C PRO B 234 -13.39 3.96 -0.82
N GLU B 235 -13.86 4.48 -1.94
CA GLU B 235 -13.96 3.70 -3.16
C GLU B 235 -13.28 4.44 -4.30
N VAL B 236 -12.35 3.78 -4.95
CA VAL B 236 -11.63 4.37 -6.06
C VAL B 236 -12.50 4.43 -7.31
N PHE B 237 -12.21 5.41 -8.17
CA PHE B 237 -12.93 5.66 -9.42
C PHE B 237 -12.00 6.44 -10.36
N GLU B 238 -11.84 5.98 -11.60
CA GLU B 238 -11.01 6.69 -12.58
C GLU B 238 -11.88 7.85 -13.06
N ILE B 239 -11.27 9.01 -13.30
CA ILE B 239 -12.03 10.15 -13.78
C ILE B 239 -12.05 10.06 -15.29
N PRO B 240 -13.26 10.01 -15.89
CA PRO B 240 -13.44 9.91 -17.34
C PRO B 240 -12.55 10.84 -18.16
N PRO B 241 -11.48 10.29 -18.75
CA PRO B 241 -10.53 11.03 -19.55
C PRO B 241 -11.08 12.13 -20.44
N ASP B 242 -12.33 12.00 -20.88
CA ASP B 242 -12.84 13.05 -21.74
C ASP B 242 -13.23 14.29 -20.92
N LEU B 243 -13.59 14.04 -19.66
CA LEU B 243 -14.00 15.08 -18.72
C LEU B 243 -12.88 16.04 -18.28
N VAL B 244 -11.66 15.54 -18.29
CA VAL B 244 -10.45 16.27 -17.88
C VAL B 244 -9.80 17.18 -18.94
N LEU B 245 -10.25 18.44 -19.05
CA LEU B 245 -9.67 19.38 -20.01
C LEU B 245 -8.29 19.85 -19.57
N GLU B 246 -7.33 19.78 -20.49
CA GLU B 246 -5.94 20.18 -20.22
C GLU B 246 -5.38 21.21 -21.20
N VAL B 247 -4.28 21.86 -20.79
CA VAL B 247 -3.59 22.85 -21.62
C VAL B 247 -2.12 22.45 -21.72
N THR B 248 -1.65 22.35 -22.97
CA THR B 248 -0.27 22.02 -23.30
C THR B 248 0.44 23.36 -23.27
N MET B 249 1.53 23.38 -22.53
CA MET B 249 2.31 24.60 -22.35
C MET B 249 3.26 24.94 -23.47
N GLU B 250 3.08 26.11 -24.08
CA GLU B 250 3.98 26.57 -25.14
C GLU B 250 4.25 28.07 -25.05
N HIS B 251 5.51 28.46 -25.23
CA HIS B 251 5.94 29.85 -25.15
C HIS B 251 5.95 30.55 -26.51
N PRO B 252 5.24 31.68 -26.63
CA PRO B 252 5.11 32.53 -27.82
C PRO B 252 6.36 33.05 -28.51
N LYS B 253 7.52 32.72 -27.98
CA LYS B 253 8.77 33.15 -28.60
C LYS B 253 9.74 31.99 -28.60
N TYR B 254 9.85 31.34 -27.45
CA TYR B 254 10.76 30.21 -27.33
C TYR B 254 10.08 28.92 -27.78
N GLU B 255 10.41 28.46 -28.98
CA GLU B 255 9.84 27.24 -29.54
C GLU B 255 10.21 26.01 -28.68
N TRP B 256 11.42 26.04 -28.13
CA TRP B 256 11.92 24.94 -27.30
C TRP B 256 11.09 24.72 -26.05
N PHE B 257 10.29 25.70 -25.66
CA PHE B 257 9.49 25.56 -24.46
C PHE B 257 8.59 24.34 -24.63
N GLN B 258 7.87 24.33 -25.75
CA GLN B 258 6.96 23.25 -26.12
C GLN B 258 7.68 21.91 -25.91
N GLU B 259 8.90 21.81 -26.44
CA GLU B 259 9.72 20.61 -26.29
C GLU B 259 9.76 20.11 -24.85
N LEU B 260 9.64 21.02 -23.88
CA LEU B 260 9.67 20.63 -22.48
C LEU B 260 8.57 19.65 -22.17
N GLY B 261 7.60 19.56 -23.08
CA GLY B 261 6.49 18.66 -22.89
C GLY B 261 5.78 18.87 -21.57
N LEU B 262 5.27 20.09 -21.37
CA LEU B 262 4.54 20.42 -20.16
C LEU B 262 3.10 20.64 -20.50
N LYS B 263 2.25 20.49 -19.51
CA LYS B 263 0.83 20.69 -19.70
C LYS B 263 0.23 20.70 -18.30
N TRP B 264 -0.97 21.25 -18.16
CA TRP B 264 -1.60 21.30 -16.85
C TRP B 264 -3.10 21.34 -17.02
N TYR B 265 -3.86 20.81 -16.04
CA TYR B 265 -5.32 20.84 -16.14
C TYR B 265 -5.93 22.25 -16.16
N ALA B 266 -7.12 22.33 -16.72
CA ALA B 266 -7.83 23.58 -16.86
C ALA B 266 -8.79 23.80 -15.71
N LEU B 267 -8.88 22.86 -14.79
CA LEU B 267 -9.83 23.05 -13.70
C LEU B 267 -9.29 22.93 -12.31
N PRO B 268 -9.32 24.03 -11.58
CA PRO B 268 -8.85 24.08 -10.19
C PRO B 268 -10.10 23.89 -9.35
N ALA B 269 -10.21 22.72 -8.70
CA ALA B 269 -11.38 22.45 -7.87
C ALA B 269 -10.95 21.87 -6.53
N VAL B 270 -11.43 22.51 -5.46
CA VAL B 270 -11.12 22.10 -4.09
C VAL B 270 -12.06 21.00 -3.62
N ALA B 271 -11.49 19.85 -3.32
CA ALA B 271 -12.29 18.71 -2.93
C ALA B 271 -12.33 18.26 -1.47
N ASN B 272 -11.62 18.92 -0.57
CA ASN B 272 -11.60 18.46 0.81
C ASN B 272 -12.02 19.41 1.94
N MET B 273 -12.64 20.53 1.60
CA MET B 273 -13.04 21.47 2.63
C MET B 273 -14.49 21.29 3.09
N LEU B 274 -14.77 21.76 4.30
CA LEU B 274 -16.10 21.66 4.89
C LEU B 274 -16.88 22.99 4.94
N LEU B 275 -18.13 22.96 4.51
CA LEU B 275 -18.96 24.15 4.56
C LEU B 275 -19.64 24.07 5.91
N GLU B 276 -19.72 25.19 6.61
CA GLU B 276 -20.41 25.26 7.88
C GLU B 276 -21.37 26.42 7.71
N VAL B 277 -22.64 26.17 8.02
CA VAL B 277 -23.67 27.18 7.97
C VAL B 277 -24.73 26.81 8.99
N GLY B 278 -25.29 27.83 9.63
CA GLY B 278 -26.30 27.58 10.64
C GLY B 278 -25.95 26.35 11.46
N GLY B 279 -24.69 26.27 11.89
CA GLY B 279 -24.30 25.15 12.72
C GLY B 279 -24.32 23.78 12.07
N LEU B 280 -24.85 23.68 10.86
CA LEU B 280 -24.85 22.39 10.17
C LEU B 280 -23.52 22.45 9.48
N GLU B 281 -22.95 21.29 9.16
CA GLU B 281 -21.66 21.30 8.52
C GLU B 281 -21.55 20.17 7.50
N PHE B 282 -21.12 20.51 6.29
CA PHE B 282 -21.00 19.54 5.21
C PHE B 282 -19.57 19.15 4.96
N PRO B 283 -19.21 17.91 5.32
CA PRO B 283 -17.83 17.43 5.12
C PRO B 283 -17.46 17.13 3.68
N ALA B 284 -18.40 17.33 2.77
CA ALA B 284 -18.15 17.10 1.34
C ALA B 284 -18.90 18.12 0.47
N CYS B 285 -18.16 19.00 -0.18
CA CYS B 285 -18.80 19.97 -1.04
C CYS B 285 -17.77 20.61 -1.95
N PRO B 286 -17.21 19.81 -2.87
CA PRO B 286 -16.20 20.37 -3.77
C PRO B 286 -16.70 21.57 -4.56
N PHE B 287 -15.78 22.50 -4.80
CA PHE B 287 -16.08 23.71 -5.54
C PHE B 287 -14.90 24.08 -6.42
N ASN B 288 -15.20 24.78 -7.50
CA ASN B 288 -14.17 25.22 -8.41
C ASN B 288 -14.41 26.66 -8.85
N GLY B 289 -13.44 27.14 -9.61
CA GLY B 289 -13.45 28.47 -10.17
C GLY B 289 -12.35 28.34 -11.20
N TRP B 290 -11.78 29.45 -11.64
CA TRP B 290 -10.73 29.33 -12.61
C TRP B 290 -9.37 29.70 -12.06
N TYR B 291 -8.35 29.47 -12.86
CA TYR B 291 -6.97 29.68 -12.43
C TYR B 291 -6.41 31.07 -12.49
N MET B 292 -5.29 31.25 -11.79
CA MET B 292 -4.58 32.51 -11.83
C MET B 292 -3.18 32.14 -12.26
N GLY B 293 -2.82 32.58 -13.46
CA GLY B 293 -1.51 32.28 -13.99
C GLY B 293 -0.47 31.86 -12.96
N THR B 294 -0.06 32.78 -12.10
CA THR B 294 0.97 32.48 -11.12
C THR B 294 0.78 31.18 -10.37
N GLU B 295 -0.44 30.68 -10.26
CA GLU B 295 -0.66 29.44 -9.54
C GLU B 295 0.05 28.30 -10.25
N ILE B 296 -0.28 28.12 -11.52
CA ILE B 296 0.31 27.09 -12.35
C ILE B 296 1.78 27.38 -12.57
N GLY B 297 2.05 28.50 -13.23
CA GLY B 297 3.41 28.89 -13.56
C GLY B 297 4.39 29.04 -12.41
N VAL B 298 4.00 29.70 -11.34
CA VAL B 298 4.89 29.92 -10.21
C VAL B 298 4.96 28.78 -9.20
N ARG B 299 3.81 28.46 -8.60
CA ARG B 299 3.73 27.41 -7.58
C ARG B 299 3.98 26.01 -8.10
N ASP B 300 3.03 25.52 -8.90
CA ASP B 300 3.05 24.17 -9.47
C ASP B 300 4.26 23.74 -10.30
N PHE B 301 4.73 24.60 -11.20
CA PHE B 301 5.87 24.25 -12.04
C PHE B 301 7.24 24.52 -11.45
N CYS B 302 7.34 25.57 -10.63
CA CYS B 302 8.62 25.97 -10.06
C CYS B 302 9.05 25.47 -8.69
N ASP B 303 8.14 25.43 -7.72
CA ASP B 303 8.44 24.95 -6.38
C ASP B 303 9.34 23.73 -6.37
N THR B 304 10.05 23.51 -5.26
CA THR B 304 10.94 22.36 -5.17
C THR B 304 10.18 21.13 -4.71
N GLN B 305 8.91 21.33 -4.37
CA GLN B 305 8.06 20.24 -3.92
C GLN B 305 7.02 19.86 -4.96
N ARG B 306 7.18 20.37 -6.18
CA ARG B 306 6.26 20.07 -7.27
C ARG B 306 7.06 19.54 -8.48
N TYR B 307 7.02 20.28 -9.58
CA TYR B 307 7.75 19.91 -10.79
C TYR B 307 9.16 20.46 -10.85
N ASN B 308 9.44 21.43 -10.00
CA ASN B 308 10.77 22.02 -9.90
C ASN B 308 11.48 22.20 -11.25
N ILE B 309 10.84 22.91 -12.17
CA ILE B 309 11.42 23.10 -13.49
C ILE B 309 12.15 24.43 -13.71
N LEU B 310 12.41 25.16 -12.64
CA LEU B 310 13.07 26.45 -12.80
C LEU B 310 14.38 26.36 -13.53
N GLU B 311 15.34 25.62 -12.99
CA GLU B 311 16.65 25.50 -13.64
C GLU B 311 16.61 25.17 -15.13
N GLU B 312 16.13 23.98 -15.47
CA GLU B 312 16.05 23.54 -16.86
C GLU B 312 15.60 24.65 -17.81
N VAL B 313 14.68 25.50 -17.35
CA VAL B 313 14.15 26.58 -18.17
C VAL B 313 15.08 27.77 -18.34
N GLY B 314 15.86 28.08 -17.30
CA GLY B 314 16.78 29.19 -17.34
C GLY B 314 17.98 28.78 -18.14
N ARG B 315 18.29 27.49 -18.08
CA ARG B 315 19.40 26.91 -18.80
C ARG B 315 19.19 27.18 -20.30
N ARG B 316 17.99 26.88 -20.78
CA ARG B 316 17.65 27.07 -22.17
C ARG B 316 17.43 28.49 -22.61
N MET B 317 17.74 29.43 -21.72
CA MET B 317 17.61 30.85 -22.05
C MET B 317 19.03 31.36 -22.08
N GLY B 318 19.95 30.41 -21.88
CA GLY B 318 21.37 30.72 -21.88
C GLY B 318 21.73 31.63 -20.73
N LEU B 319 20.94 31.59 -19.67
CA LEU B 319 21.19 32.46 -18.52
C LEU B 319 22.12 31.76 -17.55
N GLU B 320 22.81 32.55 -16.73
CA GLU B 320 23.75 32.00 -15.74
C GLU B 320 23.04 31.31 -14.60
N THR B 321 22.75 30.03 -14.78
CA THR B 321 22.07 29.24 -13.74
C THR B 321 23.02 28.84 -12.59
N HIS B 322 24.11 29.57 -12.41
CA HIS B 322 25.06 29.23 -11.36
C HIS B 322 25.35 30.37 -10.38
N THR B 323 24.85 31.56 -10.69
CA THR B 323 25.04 32.73 -9.84
C THR B 323 23.67 33.25 -9.45
N LEU B 324 23.32 33.15 -8.18
CA LEU B 324 22.02 33.65 -7.71
C LEU B 324 21.89 35.12 -8.09
N ALA B 325 22.83 35.91 -7.59
CA ALA B 325 22.87 37.33 -7.84
C ALA B 325 22.42 37.71 -9.26
N SER B 326 22.58 36.80 -10.22
CA SER B 326 22.20 37.08 -11.59
C SER B 326 20.68 37.19 -11.76
N LEU B 327 19.90 36.76 -10.78
CA LEU B 327 18.44 36.84 -10.86
C LEU B 327 17.85 36.10 -12.06
N TRP B 328 18.46 35.01 -12.49
CA TRP B 328 17.94 34.26 -13.62
C TRP B 328 16.58 33.66 -13.27
N LYS B 329 16.45 33.22 -12.03
CA LYS B 329 15.19 32.66 -11.57
C LYS B 329 14.08 33.65 -11.85
N ASP B 330 14.32 34.93 -11.57
CA ASP B 330 13.31 35.93 -11.83
C ASP B 330 13.03 35.92 -13.33
N ARG B 331 14.08 36.07 -14.13
CA ARG B 331 13.92 36.09 -15.58
C ARG B 331 13.12 34.89 -16.04
N ALA B 332 13.56 33.70 -15.62
CA ALA B 332 12.90 32.46 -16.01
C ALA B 332 11.42 32.46 -15.66
N VAL B 333 11.12 32.26 -14.38
CA VAL B 333 9.75 32.22 -13.92
C VAL B 333 8.83 33.13 -14.71
N THR B 334 9.31 34.31 -15.09
CA THR B 334 8.48 35.24 -15.84
C THR B 334 8.06 34.62 -17.16
N GLU B 335 9.03 33.98 -17.82
CA GLU B 335 8.76 33.36 -19.10
C GLU B 335 7.85 32.15 -18.90
N ILE B 336 8.02 31.44 -17.79
CA ILE B 336 7.15 30.31 -17.54
C ILE B 336 5.72 30.83 -17.39
N ASN B 337 5.57 31.97 -16.73
CA ASN B 337 4.23 32.54 -16.54
C ASN B 337 3.59 33.05 -17.83
N VAL B 338 4.38 33.70 -18.68
CA VAL B 338 3.81 34.23 -19.92
C VAL B 338 3.38 33.06 -20.77
N ALA B 339 4.07 31.92 -20.61
CA ALA B 339 3.75 30.72 -21.34
C ALA B 339 2.32 30.31 -20.95
N VAL B 340 2.15 29.94 -19.68
CA VAL B 340 0.85 29.54 -19.14
C VAL B 340 -0.27 30.46 -19.62
N LEU B 341 -0.09 31.76 -19.41
CA LEU B 341 -1.07 32.74 -19.82
C LEU B 341 -1.28 32.66 -21.31
N HIS B 342 -0.20 32.46 -22.04
CA HIS B 342 -0.30 32.35 -23.49
C HIS B 342 -1.09 31.12 -23.82
N SER B 343 -0.57 29.95 -23.43
CA SER B 343 -1.21 28.68 -23.70
C SER B 343 -2.72 28.75 -23.43
N PHE B 344 -3.13 29.01 -22.19
CA PHE B 344 -4.55 29.12 -21.89
C PHE B 344 -5.21 30.13 -22.83
N GLN B 345 -4.53 31.24 -23.06
CA GLN B 345 -5.07 32.27 -23.94
C GLN B 345 -5.33 31.62 -25.30
N LYS B 346 -4.32 30.92 -25.81
CA LYS B 346 -4.41 30.27 -27.11
C LYS B 346 -5.53 29.26 -27.18
N GLN B 347 -5.36 28.14 -26.49
CA GLN B 347 -6.35 27.08 -26.48
C GLN B 347 -7.67 27.41 -25.79
N ASN B 348 -8.04 28.68 -25.83
CA ASN B 348 -9.29 29.17 -25.24
C ASN B 348 -9.78 28.66 -23.89
N VAL B 349 -8.92 28.62 -22.88
CA VAL B 349 -9.34 28.15 -21.55
C VAL B 349 -9.23 29.34 -20.60
N THR B 350 -10.31 29.68 -19.89
CA THR B 350 -10.26 30.85 -19.00
C THR B 350 -9.08 30.84 -18.07
N ILE B 351 -8.63 32.03 -17.72
CA ILE B 351 -7.50 32.18 -16.84
C ILE B 351 -7.28 33.68 -16.63
N MET B 352 -6.79 34.02 -15.46
CA MET B 352 -6.58 35.41 -15.08
C MET B 352 -5.13 35.59 -14.62
N ASP B 353 -4.46 36.59 -15.18
CA ASP B 353 -3.08 36.90 -14.81
C ASP B 353 -3.11 37.56 -13.45
N HIS B 354 -2.08 37.34 -12.63
CA HIS B 354 -2.10 37.90 -11.28
C HIS B 354 -2.33 39.41 -11.12
N HIS B 355 -2.04 40.18 -12.16
CA HIS B 355 -2.22 41.63 -12.09
C HIS B 355 -3.68 42.05 -12.18
N THR B 356 -4.35 41.57 -13.21
CA THR B 356 -5.74 41.90 -13.39
C THR B 356 -6.56 41.33 -12.24
N ALA B 357 -6.06 40.26 -11.63
CA ALA B 357 -6.75 39.60 -10.51
C ALA B 357 -6.69 40.44 -9.25
N SER B 358 -5.56 41.12 -9.05
CA SER B 358 -5.38 41.96 -7.89
C SER B 358 -6.19 43.24 -8.01
N GLU B 359 -6.19 43.86 -9.18
CA GLU B 359 -6.94 45.09 -9.35
C GLU B 359 -8.42 44.82 -9.14
N SER B 360 -8.88 43.63 -9.52
CA SER B 360 -10.29 43.27 -9.34
C SER B 360 -10.58 43.03 -7.85
N PHE B 361 -9.63 42.44 -7.13
CA PHE B 361 -9.87 42.19 -5.72
C PHE B 361 -9.96 43.50 -4.98
N MET B 362 -9.08 44.43 -5.33
CA MET B 362 -9.08 45.75 -4.72
C MET B 362 -10.45 46.34 -4.93
N LYS B 363 -10.94 46.29 -6.17
CA LYS B 363 -12.26 46.80 -6.47
C LYS B 363 -13.27 46.12 -5.58
N HIS B 364 -13.22 44.79 -5.58
CA HIS B 364 -14.10 44.02 -4.75
C HIS B 364 -14.13 44.63 -3.35
N MET B 365 -12.99 44.56 -2.66
CA MET B 365 -12.86 45.09 -1.30
C MET B 365 -13.63 46.38 -1.11
N GLN B 366 -13.32 47.39 -1.91
CA GLN B 366 -13.98 48.67 -1.81
C GLN B 366 -15.49 48.50 -1.78
N ASN B 367 -16.03 47.71 -2.71
CA ASN B 367 -17.47 47.48 -2.74
C ASN B 367 -17.88 46.77 -1.48
N GLU B 368 -17.05 45.84 -1.01
CA GLU B 368 -17.32 45.09 0.19
C GLU B 368 -17.31 45.91 1.50
N TYR B 369 -16.60 47.04 1.52
CA TYR B 369 -16.58 47.89 2.71
C TYR B 369 -17.79 48.81 2.60
N ARG B 370 -17.99 49.42 1.44
CA ARG B 370 -19.15 50.30 1.27
C ARG B 370 -20.46 49.52 1.40
N ALA B 371 -20.38 48.21 1.16
CA ALA B 371 -21.56 47.36 1.26
C ALA B 371 -21.80 46.99 2.72
N ARG B 372 -20.95 46.13 3.27
CA ARG B 372 -21.12 45.73 4.65
C ARG B 372 -19.97 46.12 5.56
N GLY B 373 -19.34 47.24 5.23
CA GLY B 373 -18.22 47.73 6.02
C GLY B 373 -17.21 46.67 6.43
N GLY B 374 -16.62 45.98 5.47
CA GLY B 374 -15.62 44.96 5.80
C GLY B 374 -15.43 43.82 4.81
N CYS B 375 -14.26 43.21 4.86
CA CYS B 375 -13.91 42.09 3.98
C CYS B 375 -12.76 41.25 4.54
N PRO B 376 -13.06 40.04 5.06
CA PRO B 376 -12.03 39.16 5.61
C PRO B 376 -10.97 38.76 4.60
N ALA B 377 -9.79 39.34 4.74
CA ALA B 377 -8.70 39.05 3.83
C ALA B 377 -7.45 38.64 4.59
N ASP B 378 -6.76 37.65 4.05
CA ASP B 378 -5.54 37.13 4.63
C ASP B 378 -4.42 37.55 3.68
N TRP B 379 -3.91 38.76 3.89
CA TRP B 379 -2.86 39.31 3.08
C TRP B 379 -1.94 38.22 2.55
N ILE B 380 -1.22 37.55 3.44
CA ILE B 380 -0.29 36.48 3.06
C ILE B 380 -0.69 35.63 1.87
N TRP B 381 -1.96 35.27 1.80
CA TRP B 381 -2.44 34.45 0.70
C TRP B 381 -2.87 35.26 -0.51
N LEU B 382 -3.64 36.30 -0.26
CA LEU B 382 -4.13 37.15 -1.34
C LEU B 382 -3.03 37.75 -2.21
N VAL B 383 -1.86 38.02 -1.65
CA VAL B 383 -0.78 38.60 -2.44
C VAL B 383 -0.10 37.57 -3.34
N PRO B 384 -0.13 37.84 -4.65
CA PRO B 384 0.47 36.96 -5.67
C PRO B 384 1.89 36.52 -5.31
N PRO B 385 2.17 35.21 -5.46
CA PRO B 385 3.46 34.54 -5.19
C PRO B 385 4.67 35.13 -5.88
N VAL B 386 4.43 36.16 -6.69
CA VAL B 386 5.51 36.82 -7.40
C VAL B 386 5.08 38.20 -7.89
N SER B 387 5.95 39.18 -7.72
CA SER B 387 5.69 40.56 -8.14
C SER B 387 4.68 41.24 -7.21
N GLY B 388 4.79 40.92 -5.92
CA GLY B 388 3.89 41.48 -4.93
C GLY B 388 3.76 42.99 -4.95
N SER B 389 4.81 43.70 -4.52
CA SER B 389 4.80 45.16 -4.49
C SER B 389 4.42 45.82 -5.82
N ILE B 390 4.41 45.05 -6.90
CA ILE B 390 4.03 45.58 -8.20
C ILE B 390 2.53 45.35 -8.24
N THR B 391 1.99 44.88 -7.12
CA THR B 391 0.57 44.59 -7.04
C THR B 391 -0.12 45.45 -6.01
N PRO B 392 -1.26 46.01 -6.36
CA PRO B 392 -2.06 46.87 -5.49
C PRO B 392 -2.22 46.28 -4.10
N VAL B 393 -2.81 45.08 -4.05
CA VAL B 393 -3.07 44.38 -2.78
C VAL B 393 -1.88 44.26 -1.83
N PHE B 394 -0.67 44.42 -2.36
CA PHE B 394 0.52 44.34 -1.52
C PHE B 394 0.59 45.52 -0.58
N HIS B 395 0.04 46.65 -1.00
CA HIS B 395 0.05 47.89 -0.23
C HIS B 395 -1.25 48.19 0.52
N GLN B 396 -2.07 47.18 0.69
CA GLN B 396 -3.35 47.35 1.34
C GLN B 396 -3.42 46.64 2.68
N GLU B 397 -3.61 47.38 3.75
CA GLU B 397 -3.70 46.70 5.04
C GLU B 397 -5.02 45.98 5.00
N MET B 398 -5.10 44.86 5.73
CA MET B 398 -6.33 44.08 5.73
C MET B 398 -6.52 43.24 6.98
N LEU B 399 -7.77 43.04 7.35
CA LEU B 399 -8.08 42.22 8.52
C LEU B 399 -8.51 40.85 8.07
N ASN B 400 -8.10 39.85 8.82
CA ASN B 400 -8.45 38.48 8.51
C ASN B 400 -9.29 38.00 9.69
N TYR B 401 -10.52 37.60 9.41
CA TYR B 401 -11.42 37.10 10.45
C TYR B 401 -12.45 36.11 9.95
N VAL B 402 -12.65 35.06 10.74
CA VAL B 402 -13.59 34.03 10.38
C VAL B 402 -15.02 34.48 10.59
N LEU B 403 -15.90 34.18 9.65
CA LEU B 403 -17.29 34.54 9.79
C LEU B 403 -18.15 33.30 9.56
N SER B 404 -19.39 33.53 9.15
CA SER B 404 -20.30 32.46 8.84
C SER B 404 -21.36 32.90 7.82
N PRO B 405 -21.66 32.02 6.85
CA PRO B 405 -21.03 30.69 6.77
C PRO B 405 -19.52 30.72 6.46
N PHE B 406 -18.90 29.57 6.21
CA PHE B 406 -17.45 29.54 6.02
C PHE B 406 -16.91 28.19 5.50
N TYR B 407 -15.76 28.20 4.80
CA TYR B 407 -15.16 26.97 4.27
C TYR B 407 -13.93 26.55 5.07
N TYR B 408 -14.11 25.69 6.07
CA TYR B 408 -13.01 25.22 6.92
C TYR B 408 -12.23 24.06 6.31
N TYR B 409 -10.94 23.97 6.60
CA TYR B 409 -10.18 22.82 6.10
C TYR B 409 -10.69 21.75 7.01
N GLN B 410 -10.09 20.58 7.01
CA GLN B 410 -10.54 19.54 7.91
C GLN B 410 -9.57 18.38 7.87
N ILE B 411 -9.45 17.70 8.99
CA ILE B 411 -8.51 16.59 9.13
C ILE B 411 -8.50 15.56 8.06
N GLU B 412 -7.33 15.36 7.47
CA GLU B 412 -7.15 14.36 6.43
C GLU B 412 -7.85 13.13 6.95
N PRO B 413 -8.87 12.66 6.21
CA PRO B 413 -9.73 11.51 6.46
C PRO B 413 -9.02 10.19 6.76
N TRP B 414 -7.91 9.92 6.07
CA TRP B 414 -7.21 8.65 6.32
C TRP B 414 -6.60 8.58 7.71
N LYS B 415 -6.47 9.72 8.37
CA LYS B 415 -5.92 9.73 9.73
C LYS B 415 -7.03 9.43 10.73
N THR B 416 -8.27 9.82 10.39
CA THR B 416 -9.42 9.59 11.27
C THR B 416 -10.50 8.73 10.64
N HIS B 417 -10.13 7.50 10.28
CA HIS B 417 -11.08 6.60 9.66
C HIS B 417 -11.23 5.29 10.42
N ILE B 418 -12.38 4.67 10.25
CA ILE B 418 -12.70 3.41 10.90
C ILE B 418 -12.68 2.30 9.86
N TRP B 419 -11.52 1.69 9.65
CA TRP B 419 -11.39 0.61 8.69
C TRP B 419 -11.87 -0.70 9.31
N GLN B 420 -13.01 -1.19 8.81
CA GLN B 420 -13.60 -2.43 9.29
C GLN B 420 -12.71 -3.64 8.99
#